data_2JEP
#
_entry.id   2JEP
#
_cell.length_a   84.416
_cell.length_b   89.574
_cell.length_c   90.397
_cell.angle_alpha   90.00
_cell.angle_beta   90.00
_cell.angle_gamma   90.00
#
_symmetry.space_group_name_H-M   'P 21 21 21'
#
loop_
_entity.id
_entity.type
_entity.pdbx_description
1 polymer XYLOGLUCANASE
2 non-polymer 1,2-ETHANEDIOL
3 non-polymer 'CALCIUM ION'
4 water water
#
_entity_poly.entity_id   1
_entity_poly.type   'polypeptide(L)'
_entity_poly.pdbx_seq_one_letter_code
;MFKKWKKFGISSLALVLVAAVAFTGWSAKASAADASQIVSEMGAGWNLGNQLEAAVNGTPNETAWGNPTVTPELIKKVKA
AGFKSIRIPVSYLNNIGSAPNYTINAAWLNRIQQVVDYAYNEGLYVIINIHGDGYNSVQGGWLLVNGGNQTAIKEKYKKV
WQQIATKFSNYNDRLIFESMNEVFDGNYGNPNSAYYTNLNAYNQIFVDTVRQTGGNNNARWLLVPGWNTNIDYTVGNYGF
TLPTDNYRSSAIPSSQKRIMISAHYYSPWDFAGEENGNITQWGATSTNPAKKSTWGQEDYLESQFKSMYDKFVTQGYPVV
IGEFGSIDKTSYDSSNNVYRAAYAKAVTAKAKKYKMVPVYWDNGHNGQHGFALFNRSNNTVTQQNIINAIMQGMQ
;
_entity_poly.pdbx_strand_id   A,B
#
loop_
_chem_comp.id
_chem_comp.type
_chem_comp.name
_chem_comp.formula
CA non-polymer 'CALCIUM ION' 'Ca 2'
EDO non-polymer 1,2-ETHANEDIOL 'C2 H6 O2'
#
# COMPACT_ATOMS: atom_id res chain seq x y z
N ALA A 33 -6.35 -31.15 26.29
CA ALA A 33 -5.24 -30.39 26.95
C ALA A 33 -5.81 -29.11 27.47
N ASP A 34 -5.39 -28.73 28.67
CA ASP A 34 -5.76 -27.44 29.25
C ASP A 34 -4.82 -26.35 28.70
N ALA A 35 -5.00 -25.12 29.15
CA ALA A 35 -4.29 -23.96 28.57
C ALA A 35 -2.78 -24.04 28.70
N SER A 36 -2.29 -24.66 29.78
CA SER A 36 -0.86 -24.76 29.99
C SER A 36 -0.29 -25.92 29.18
N GLN A 37 -1.02 -27.02 29.16
CA GLN A 37 -0.55 -28.22 28.49
C GLN A 37 -0.52 -28.02 26.97
N ILE A 38 -1.50 -27.28 26.42
CA ILE A 38 -1.55 -27.15 24.95
C ILE A 38 -0.31 -26.38 24.45
N VAL A 39 0.10 -25.35 25.17
CA VAL A 39 1.28 -24.59 24.78
C VAL A 39 2.51 -25.48 24.72
N SER A 40 2.70 -26.30 25.76
CA SER A 40 3.79 -27.25 25.77
C SER A 40 3.78 -28.19 24.56
N GLU A 41 2.62 -28.76 24.26
CA GLU A 41 2.49 -29.70 23.18
C GLU A 41 2.70 -29.07 21.81
N MET A 42 2.34 -27.81 21.67
CA MET A 42 2.48 -27.12 20.37
C MET A 42 3.93 -26.80 20.00
N GLY A 43 4.82 -26.72 20.99
CA GLY A 43 6.23 -26.50 20.72
C GLY A 43 6.46 -25.24 19.92
N ALA A 44 7.37 -25.35 18.94
CA ALA A 44 7.64 -24.27 17.99
C ALA A 44 6.81 -24.56 16.76
N GLY A 45 6.19 -23.51 16.23
CA GLY A 45 5.42 -23.63 15.02
C GLY A 45 6.07 -23.06 13.78
N TRP A 46 5.50 -23.43 12.64
CA TRP A 46 6.00 -23.01 11.35
C TRP A 46 4.82 -22.70 10.44
N ASN A 47 4.86 -21.56 9.76
CA ASN A 47 3.82 -21.19 8.81
C ASN A 47 4.12 -21.71 7.43
N LEU A 48 3.10 -22.29 6.83
CA LEU A 48 3.12 -22.69 5.43
C LEU A 48 2.77 -21.47 4.58
N GLY A 49 3.67 -20.49 4.59
CA GLY A 49 3.37 -19.20 4.05
C GLY A 49 3.44 -19.15 2.53
N ASN A 50 2.74 -18.16 1.97
CA ASN A 50 2.69 -17.93 0.54
C ASN A 50 2.23 -19.21 -0.21
N GLN A 51 1.19 -19.84 0.34
CA GLN A 51 0.57 -20.99 -0.31
C GLN A 51 -0.93 -20.78 -0.41
N LEU A 52 -1.70 -21.34 0.52
CA LEU A 52 -3.16 -21.32 0.35
CA LEU A 52 -3.17 -21.33 0.40
C LEU A 52 -3.81 -19.97 0.62
N GLU A 53 -3.03 -18.97 1.06
CA GLU A 53 -3.53 -17.60 1.15
C GLU A 53 -3.23 -16.77 -0.11
N ALA A 54 -2.36 -17.30 -0.96
CA ALA A 54 -1.96 -16.61 -2.19
C ALA A 54 -3.14 -16.49 -3.13
N ALA A 55 -3.26 -15.28 -3.69
N ALA A 55 -3.19 -15.48 -4.02
CA ALA A 55 -4.37 -14.95 -4.56
CA ALA A 55 -4.35 -15.42 -4.97
C ALA A 55 -3.94 -13.87 -5.53
C ALA A 55 -4.23 -14.88 -6.42
N VAL A 56 -4.46 -13.97 -6.76
N VAL A 56 -4.18 -13.58 -6.56
CA VAL A 56 -4.26 -12.89 -7.72
CA VAL A 56 -4.20 -12.92 -7.88
C VAL A 56 -5.59 -12.59 -8.38
C VAL A 56 -5.62 -12.59 -8.32
N ASN A 57 -5.91 -11.29 -8.44
CA ASN A 57 -7.21 -10.80 -8.91
C ASN A 57 -8.41 -11.59 -8.37
N GLY A 58 -8.33 -11.81 -7.06
CA GLY A 58 -9.42 -12.36 -6.33
C GLY A 58 -9.57 -13.86 -6.21
N THR A 59 -8.77 -14.66 -6.92
CA THR A 59 -8.92 -16.12 -6.85
C THR A 59 -7.74 -16.77 -6.15
N PRO A 60 -8.01 -17.46 -5.03
CA PRO A 60 -6.90 -18.12 -4.35
C PRO A 60 -6.27 -19.21 -5.23
N ASN A 61 -4.98 -19.41 -5.08
CA ASN A 61 -4.25 -20.41 -5.84
C ASN A 61 -2.91 -20.56 -5.16
N GLU A 62 -2.65 -21.76 -4.66
CA GLU A 62 -1.49 -21.96 -3.81
C GLU A 62 -0.15 -21.81 -4.50
N THR A 63 -0.15 -21.74 -5.84
CA THR A 63 1.06 -21.49 -6.60
C THR A 63 1.22 -20.06 -7.08
N ALA A 64 0.27 -19.20 -6.73
CA ALA A 64 0.18 -17.87 -7.34
C ALA A 64 1.38 -16.99 -6.99
N TRP A 65 2.01 -17.26 -5.84
CA TRP A 65 3.11 -16.47 -5.38
C TRP A 65 4.45 -17.18 -5.54
N GLY A 66 4.50 -18.16 -6.43
CA GLY A 66 5.76 -18.74 -6.85
C GLY A 66 6.21 -20.00 -6.13
N ASN A 67 5.47 -20.46 -5.12
CA ASN A 67 5.80 -21.73 -4.50
C ASN A 67 5.15 -22.88 -5.25
N PRO A 68 5.73 -24.07 -5.16
CA PRO A 68 5.08 -25.20 -5.79
C PRO A 68 3.84 -25.66 -5.04
N THR A 69 3.03 -26.49 -5.68
CA THR A 69 1.90 -27.09 -5.00
C THR A 69 2.43 -27.84 -3.77
N VAL A 70 1.73 -27.68 -2.65
CA VAL A 70 2.18 -28.30 -1.41
C VAL A 70 2.07 -29.82 -1.54
N THR A 71 3.07 -30.51 -1.01
CA THR A 71 3.09 -31.97 -0.96
C THR A 71 3.36 -32.45 0.47
N PRO A 72 2.99 -33.70 0.80
CA PRO A 72 3.20 -34.17 2.15
C PRO A 72 4.66 -34.17 2.56
N GLU A 73 5.57 -34.33 1.58
CA GLU A 73 7.00 -34.39 1.88
C GLU A 73 7.50 -33.10 2.53
N LEU A 74 6.96 -31.95 2.13
CA LEU A 74 7.37 -30.68 2.75
C LEU A 74 7.03 -30.69 4.23
N ILE A 75 5.81 -31.09 4.54
CA ILE A 75 5.37 -31.10 5.93
C ILE A 75 6.18 -32.10 6.76
N LYS A 76 6.53 -33.24 6.16
CA LYS A 76 7.38 -34.20 6.84
C LYS A 76 8.76 -33.63 7.13
N LYS A 77 9.29 -32.84 6.20
CA LYS A 77 10.60 -32.21 6.39
C LYS A 77 10.57 -31.19 7.53
N VAL A 78 9.50 -30.40 7.58
CA VAL A 78 9.33 -29.41 8.65
C VAL A 78 9.22 -30.14 10.01
N LYS A 79 8.44 -31.22 10.07
CA LYS A 79 8.35 -32.02 11.29
C LYS A 79 9.75 -32.57 11.69
N ALA A 80 10.49 -33.07 10.72
CA ALA A 80 11.81 -33.64 10.99
C ALA A 80 12.76 -32.60 11.58
N ALA A 81 12.53 -31.32 11.24
CA ALA A 81 13.34 -30.22 11.78
C ALA A 81 12.96 -29.86 13.21
N GLY A 82 11.87 -30.42 13.74
CA GLY A 82 11.52 -30.28 15.13
C GLY A 82 10.29 -29.45 15.43
N PHE A 83 9.70 -28.84 14.41
CA PHE A 83 8.50 -28.04 14.61
C PHE A 83 7.33 -28.98 14.94
N LYS A 84 6.48 -28.58 15.88
CA LYS A 84 5.37 -29.40 16.35
C LYS A 84 3.99 -28.87 15.94
N SER A 85 3.94 -27.67 15.36
CA SER A 85 2.70 -27.06 14.92
C SER A 85 2.94 -26.43 13.54
N ILE A 86 1.92 -26.51 12.70
CA ILE A 86 1.91 -25.90 11.38
C ILE A 86 0.74 -24.93 11.29
N ARG A 87 1.02 -23.66 10.99
CA ARG A 87 -0.04 -22.69 10.69
C ARG A 87 -0.21 -22.62 9.19
N ILE A 88 -1.46 -22.72 8.74
CA ILE A 88 -1.81 -22.77 7.34
C ILE A 88 -2.69 -21.56 7.02
N PRO A 89 -2.06 -20.48 6.51
CA PRO A 89 -2.85 -19.36 5.98
C PRO A 89 -3.78 -19.86 4.84
N VAL A 90 -5.05 -19.45 4.86
CA VAL A 90 -6.00 -19.83 3.82
C VAL A 90 -6.81 -18.61 3.43
N SER A 91 -6.85 -18.31 2.13
CA SER A 91 -7.76 -17.29 1.61
C SER A 91 -8.93 -17.93 0.92
N TYR A 92 -10.05 -17.20 0.85
CA TYR A 92 -11.28 -17.73 0.26
C TYR A 92 -11.71 -16.86 -0.91
N LEU A 93 -11.96 -15.57 -0.63
CA LEU A 93 -12.10 -14.54 -1.67
C LEU A 93 -13.17 -14.97 -2.69
N ASN A 94 -12.85 -14.99 -3.99
CA ASN A 94 -13.91 -15.23 -4.96
CA ASN A 94 -13.79 -15.33 -5.09
C ASN A 94 -14.33 -16.72 -5.04
N ASN A 95 -13.69 -17.59 -4.25
N ASN A 95 -13.69 -17.61 -4.24
CA ASN A 95 -14.20 -18.94 -4.08
CA ASN A 95 -14.19 -18.97 -4.04
C ASN A 95 -15.41 -19.01 -3.14
C ASN A 95 -15.48 -18.99 -3.23
N ILE A 96 -15.83 -17.87 -2.60
CA ILE A 96 -17.09 -17.77 -1.87
C ILE A 96 -18.13 -17.31 -2.88
N GLY A 97 -19.22 -18.06 -2.96
CA GLY A 97 -20.30 -17.72 -3.89
C GLY A 97 -21.19 -16.58 -3.42
N SER A 98 -22.29 -16.40 -4.13
CA SER A 98 -23.12 -15.22 -3.91
C SER A 98 -24.00 -15.39 -2.69
N ALA A 99 -24.51 -14.27 -2.19
CA ALA A 99 -25.49 -14.27 -1.13
C ALA A 99 -26.79 -14.90 -1.62
N PRO A 100 -27.59 -15.49 -0.70
CA PRO A 100 -27.37 -15.65 0.72
C PRO A 100 -26.61 -16.89 1.23
N ASN A 101 -26.33 -17.88 0.36
CA ASN A 101 -25.72 -19.12 0.83
C ASN A 101 -24.21 -18.93 1.02
N TYR A 102 -23.61 -18.08 0.21
CA TYR A 102 -22.15 -17.85 0.25
C TYR A 102 -21.40 -19.17 0.20
N THR A 103 -21.81 -20.06 -0.69
CA THR A 103 -21.24 -21.40 -0.77
C THR A 103 -19.80 -21.35 -1.23
N ILE A 104 -18.92 -21.99 -0.46
CA ILE A 104 -17.51 -22.10 -0.81
C ILE A 104 -17.32 -23.21 -1.84
N ASN A 105 -16.54 -22.88 -2.87
CA ASN A 105 -16.19 -23.88 -3.91
CA ASN A 105 -16.13 -23.81 -3.89
C ASN A 105 -15.75 -25.18 -3.24
N ALA A 106 -16.40 -26.27 -3.59
CA ALA A 106 -16.17 -27.56 -2.95
C ALA A 106 -14.75 -28.06 -3.17
N ALA A 107 -14.20 -27.85 -4.37
CA ALA A 107 -12.85 -28.28 -4.68
C ALA A 107 -11.83 -27.56 -3.81
N TRP A 108 -12.10 -26.30 -3.49
CA TRP A 108 -11.21 -25.55 -2.63
C TRP A 108 -11.22 -26.11 -1.20
N LEU A 109 -12.40 -26.31 -0.63
CA LEU A 109 -12.48 -26.96 0.67
C LEU A 109 -11.82 -28.33 0.67
N ASN A 110 -11.97 -29.10 -0.40
CA ASN A 110 -11.31 -30.41 -0.46
C ASN A 110 -9.80 -30.30 -0.50
N ARG A 111 -9.31 -29.27 -1.18
CA ARG A 111 -7.86 -29.05 -1.20
C ARG A 111 -7.32 -28.62 0.16
N ILE A 112 -8.02 -27.69 0.80
CA ILE A 112 -7.60 -27.26 2.13
C ILE A 112 -7.56 -28.47 3.06
N GLN A 113 -8.58 -29.33 2.97
CA GLN A 113 -8.59 -30.51 3.84
CA GLN A 113 -8.61 -30.53 3.82
C GLN A 113 -7.41 -31.44 3.55
N GLN A 114 -7.05 -31.60 2.29
CA GLN A 114 -5.91 -32.44 1.97
CA GLN A 114 -5.87 -32.42 1.94
C GLN A 114 -4.63 -31.88 2.62
N VAL A 115 -4.42 -30.57 2.52
CA VAL A 115 -3.23 -29.97 3.07
C VAL A 115 -3.22 -30.05 4.61
N VAL A 116 -4.38 -29.80 5.23
CA VAL A 116 -4.52 -30.00 6.67
C VAL A 116 -4.09 -31.42 7.03
N ASP A 117 -4.59 -32.41 6.26
CA ASP A 117 -4.27 -33.79 6.57
C ASP A 117 -2.78 -34.10 6.47
N TYR A 118 -2.04 -33.43 5.57
CA TYR A 118 -0.60 -33.66 5.51
C TYR A 118 0.05 -33.44 6.86
N ALA A 119 -0.41 -32.43 7.59
CA ALA A 119 0.11 -32.11 8.93
C ALA A 119 -0.59 -32.90 10.02
N TYR A 120 -1.92 -32.95 9.96
CA TYR A 120 -2.69 -33.62 11.01
C TYR A 120 -2.36 -35.12 11.08
N ASN A 121 -2.19 -35.76 9.93
CA ASN A 121 -1.89 -37.18 9.92
C ASN A 121 -0.48 -37.51 10.38
N GLU A 122 0.37 -36.47 10.48
CA GLU A 122 1.72 -36.60 11.04
C GLU A 122 1.78 -36.25 12.52
N GLY A 123 0.63 -36.08 13.15
CA GLY A 123 0.62 -35.88 14.60
C GLY A 123 0.87 -34.45 15.01
N LEU A 124 0.87 -33.52 14.04
CA LEU A 124 1.18 -32.12 14.33
C LEU A 124 -0.07 -31.37 14.74
N TYR A 125 0.09 -30.28 15.49
CA TYR A 125 -0.96 -29.30 15.66
C TYR A 125 -1.06 -28.51 14.36
N VAL A 126 -2.26 -28.08 14.04
CA VAL A 126 -2.54 -27.39 12.79
C VAL A 126 -3.47 -26.24 13.08
N ILE A 127 -3.15 -25.06 12.51
CA ILE A 127 -4.03 -23.90 12.62
C ILE A 127 -4.46 -23.53 11.20
N ILE A 128 -5.77 -23.35 10.98
CA ILE A 128 -6.29 -22.82 9.71
C ILE A 128 -7.05 -21.53 10.00
N ASN A 129 -6.96 -20.56 9.09
CA ASN A 129 -7.55 -19.24 9.32
C ASN A 129 -8.34 -18.75 8.10
N ILE A 130 -8.78 -17.48 8.16
CA ILE A 130 -9.24 -16.75 6.98
C ILE A 130 -8.27 -15.59 6.85
N HIS A 131 -7.50 -15.55 5.74
CA HIS A 131 -6.27 -14.76 5.70
C HIS A 131 -6.36 -13.51 4.83
N GLY A 132 -6.28 -13.67 3.51
CA GLY A 132 -6.28 -12.48 2.64
C GLY A 132 -7.58 -11.69 2.69
N ASP A 133 -8.68 -12.39 3.01
CA ASP A 133 -10.00 -11.82 2.95
C ASP A 133 -10.18 -10.61 3.86
N GLY A 134 -9.37 -10.49 4.91
CA GLY A 134 -9.51 -9.39 5.85
C GLY A 134 -8.75 -8.12 5.53
N TYR A 135 -8.03 -8.11 4.41
CA TYR A 135 -7.25 -6.93 4.03
C TYR A 135 -7.93 -6.02 3.02
N ASN A 136 -7.93 -4.72 3.33
CA ASN A 136 -8.35 -3.69 2.38
C ASN A 136 -7.53 -3.74 1.09
N SER A 137 -6.24 -4.06 1.22
CA SER A 137 -5.32 -4.00 0.09
C SER A 137 -5.36 -5.21 -0.83
N VAL A 138 -6.08 -6.26 -0.46
CA VAL A 138 -6.16 -7.48 -1.29
C VAL A 138 -7.35 -7.38 -2.23
N GLN A 139 -7.16 -7.69 -3.50
CA GLN A 139 -8.26 -7.70 -4.44
CA GLN A 139 -8.28 -7.69 -4.43
C GLN A 139 -9.29 -8.75 -4.03
N GLY A 140 -10.53 -8.32 -3.79
CA GLY A 140 -11.56 -9.20 -3.29
C GLY A 140 -11.68 -9.21 -1.78
N GLY A 141 -10.79 -8.51 -1.09
CA GLY A 141 -10.87 -8.45 0.38
C GLY A 141 -12.19 -7.84 0.81
N TRP A 142 -12.89 -8.52 1.72
CA TRP A 142 -14.27 -8.15 2.06
C TRP A 142 -14.55 -8.11 3.59
N LEU A 143 -13.68 -8.73 4.39
CA LEU A 143 -13.90 -8.83 5.84
C LEU A 143 -13.22 -7.60 6.42
N LEU A 144 -13.92 -6.48 6.27
CA LEU A 144 -13.35 -5.16 6.44
C LEU A 144 -14.02 -4.43 7.59
N VAL A 145 -13.25 -4.17 8.65
CA VAL A 145 -13.85 -3.48 9.80
C VAL A 145 -14.41 -2.10 9.41
N ASN A 146 -13.83 -1.50 8.37
CA ASN A 146 -14.22 -0.19 7.86
C ASN A 146 -15.29 -0.28 6.77
N GLY A 147 -15.67 -1.49 6.37
CA GLY A 147 -16.62 -1.65 5.28
C GLY A 147 -17.98 -1.09 5.60
N GLY A 148 -18.68 -0.62 4.58
CA GLY A 148 -19.96 0.00 4.79
C GLY A 148 -21.14 -0.90 5.06
N ASN A 149 -21.08 -2.13 4.60
CA ASN A 149 -22.22 -3.07 4.72
C ASN A 149 -21.90 -4.15 5.74
N GLN A 150 -21.88 -3.76 7.01
CA GLN A 150 -21.53 -4.69 8.08
C GLN A 150 -22.51 -5.85 8.22
N THR A 151 -23.79 -5.63 7.89
CA THR A 151 -24.73 -6.73 7.91
C THR A 151 -24.32 -7.83 6.94
N ALA A 152 -23.99 -7.47 5.71
CA ALA A 152 -23.59 -8.45 4.72
C ALA A 152 -22.24 -9.06 5.09
N ILE A 153 -21.30 -8.24 5.55
CA ILE A 153 -19.99 -8.79 5.95
C ILE A 153 -20.18 -9.86 7.03
N LYS A 154 -20.96 -9.53 8.05
CA LYS A 154 -21.16 -10.44 9.17
C LYS A 154 -21.89 -11.70 8.80
N GLU A 155 -22.89 -11.58 7.91
CA GLU A 155 -23.59 -12.77 7.47
C GLU A 155 -22.74 -13.67 6.60
N LYS A 156 -21.99 -13.06 5.68
CA LYS A 156 -21.06 -13.82 4.85
C LYS A 156 -20.04 -14.55 5.72
N TYR A 157 -19.48 -13.83 6.68
CA TYR A 157 -18.50 -14.42 7.59
C TYR A 157 -19.07 -15.61 8.37
N LYS A 158 -20.28 -15.44 8.92
CA LYS A 158 -20.96 -16.53 9.56
C LYS A 158 -21.10 -17.74 8.64
N LYS A 159 -21.62 -17.53 7.43
CA LYS A 159 -21.86 -18.64 6.53
C LYS A 159 -20.55 -19.33 6.10
N VAL A 160 -19.49 -18.53 5.90
CA VAL A 160 -18.19 -19.09 5.55
C VAL A 160 -17.67 -19.94 6.70
N TRP A 161 -17.67 -19.42 7.94
CA TRP A 161 -17.19 -20.26 9.04
C TRP A 161 -18.06 -21.46 9.31
N GLN A 162 -19.37 -21.34 9.05
CA GLN A 162 -20.24 -22.52 9.22
C GLN A 162 -19.71 -23.66 8.34
N GLN A 163 -19.41 -23.32 7.10
CA GLN A 163 -18.95 -24.32 6.13
C GLN A 163 -17.57 -24.87 6.44
N ILE A 164 -16.63 -24.00 6.78
CA ILE A 164 -15.27 -24.51 7.10
C ILE A 164 -15.36 -25.39 8.34
N ALA A 165 -16.07 -24.92 9.36
CA ALA A 165 -16.16 -25.70 10.60
C ALA A 165 -16.81 -27.05 10.34
N THR A 166 -17.90 -27.05 9.59
CA THR A 166 -18.59 -28.30 9.27
C THR A 166 -17.64 -29.28 8.57
N LYS A 167 -16.82 -28.80 7.65
CA LYS A 167 -15.91 -29.67 6.89
C LYS A 167 -14.95 -30.40 7.83
N PHE A 168 -14.54 -29.71 8.91
CA PHE A 168 -13.51 -30.23 9.81
C PHE A 168 -14.04 -30.66 11.17
N SER A 169 -15.34 -30.92 11.28
CA SER A 169 -15.93 -31.13 12.59
C SER A 169 -15.42 -32.34 13.34
N ASN A 170 -14.96 -33.37 12.62
CA ASN A 170 -14.54 -34.59 13.31
CA ASN A 170 -14.52 -34.60 13.30
C ASN A 170 -13.06 -34.60 13.71
N TYR A 171 -12.33 -33.55 13.36
CA TYR A 171 -10.92 -33.47 13.75
C TYR A 171 -10.76 -33.19 15.24
N ASN A 172 -9.76 -33.79 15.86
CA ASN A 172 -9.53 -33.63 17.29
C ASN A 172 -8.90 -32.28 17.62
N ASP A 173 -8.50 -32.10 18.87
CA ASP A 173 -8.04 -30.83 19.36
C ASP A 173 -6.68 -30.40 18.80
N ARG A 174 -6.02 -31.26 18.03
CA ARG A 174 -4.82 -30.84 17.30
CA ARG A 174 -4.83 -30.83 17.32
C ARG A 174 -5.14 -29.86 16.17
N LEU A 175 -6.40 -29.78 15.74
CA LEU A 175 -6.80 -28.77 14.75
C LEU A 175 -7.45 -27.58 15.47
N ILE A 176 -6.84 -26.41 15.24
CA ILE A 176 -7.25 -25.13 15.79
C ILE A 176 -7.79 -24.26 14.68
N PHE A 177 -8.91 -23.59 14.92
CA PHE A 177 -9.42 -22.60 13.98
C PHE A 177 -9.04 -21.21 14.48
N GLU A 178 -8.56 -20.37 13.56
CA GLU A 178 -8.16 -18.98 13.82
C GLU A 178 -9.13 -18.08 13.04
N SER A 179 -9.78 -17.17 13.77
CA SER A 179 -10.93 -16.45 13.22
C SER A 179 -10.64 -15.65 11.97
N MET A 180 -9.45 -15.06 11.95
CA MET A 180 -9.04 -14.17 10.87
CA MET A 180 -9.06 -14.06 10.96
C MET A 180 -7.57 -13.86 11.15
N ASN A 181 -6.96 -13.07 10.28
CA ASN A 181 -5.53 -12.86 10.32
C ASN A 181 -5.20 -11.49 10.91
N GLU A 182 -4.84 -10.53 10.07
CA GLU A 182 -4.46 -9.18 10.47
C GLU A 182 -5.53 -8.23 9.97
N VAL A 183 -6.40 -7.84 10.91
CA VAL A 183 -7.65 -7.13 10.61
C VAL A 183 -7.58 -5.72 11.20
N PHE A 184 -7.63 -4.74 10.30
CA PHE A 184 -7.63 -3.34 10.63
C PHE A 184 -8.12 -2.56 9.41
N ASP A 185 -8.03 -1.23 9.48
CA ASP A 185 -8.51 -0.35 8.43
C ASP A 185 -7.38 0.16 7.54
N GLY A 186 -6.14 -0.30 7.75
CA GLY A 186 -4.99 0.24 7.01
C GLY A 186 -4.10 1.26 7.72
N ASN A 187 -4.58 1.80 8.82
CA ASN A 187 -3.92 2.86 9.57
C ASN A 187 -3.16 2.26 10.73
N TYR A 188 -1.89 2.63 10.88
CA TYR A 188 -1.00 2.05 11.90
C TYR A 188 -1.04 2.77 13.24
N GLY A 189 -1.84 3.82 13.31
CA GLY A 189 -2.05 4.56 14.53
C GLY A 189 -3.18 3.96 15.32
N ASN A 190 -3.65 4.70 16.31
CA ASN A 190 -4.56 4.17 17.29
C ASN A 190 -5.84 3.72 16.58
N PRO A 191 -6.36 2.57 16.98
CA PRO A 191 -7.56 2.04 16.35
C PRO A 191 -8.82 2.86 16.57
N ASN A 192 -9.58 2.99 15.50
CA ASN A 192 -10.92 3.56 15.59
C ASN A 192 -11.79 2.63 16.46
N SER A 193 -12.40 3.17 17.51
CA SER A 193 -13.15 2.36 18.45
C SER A 193 -14.35 1.66 17.81
N ALA A 194 -15.03 2.31 16.88
CA ALA A 194 -16.16 1.68 16.20
C ALA A 194 -15.68 0.50 15.36
N TYR A 195 -14.55 0.68 14.67
CA TYR A 195 -14.00 -0.42 13.89
C TYR A 195 -13.53 -1.57 14.78
N TYR A 196 -12.99 -1.24 15.95
CA TYR A 196 -12.61 -2.27 16.91
C TYR A 196 -13.82 -3.08 17.34
N THR A 197 -14.95 -2.39 17.51
CA THR A 197 -16.21 -3.09 17.84
C THR A 197 -16.59 -4.08 16.74
N ASN A 198 -16.44 -3.71 15.48
CA ASN A 198 -16.69 -4.66 14.39
C ASN A 198 -15.77 -5.87 14.49
N LEU A 199 -14.48 -5.62 14.73
CA LEU A 199 -13.52 -6.71 14.89
C LEU A 199 -13.99 -7.67 16.00
N ASN A 200 -14.33 -7.10 17.14
CA ASN A 200 -14.79 -7.92 18.27
C ASN A 200 -16.04 -8.69 17.91
N ALA A 201 -16.93 -8.06 17.12
CA ALA A 201 -18.13 -8.73 16.67
C ALA A 201 -17.80 -9.93 15.79
N TYR A 202 -16.82 -9.79 14.90
CA TYR A 202 -16.41 -10.92 14.07
C TYR A 202 -15.91 -12.05 14.97
N ASN A 203 -15.07 -11.73 15.95
CA ASN A 203 -14.57 -12.81 16.81
C ASN A 203 -15.73 -13.52 17.52
N GLN A 204 -16.71 -12.76 17.98
CA GLN A 204 -17.86 -13.36 18.69
C GLN A 204 -18.69 -14.24 17.77
N ILE A 205 -18.98 -13.73 16.58
CA ILE A 205 -19.71 -14.52 15.57
C ILE A 205 -18.97 -15.81 15.23
N PHE A 206 -17.67 -15.70 15.03
CA PHE A 206 -16.85 -16.88 14.77
C PHE A 206 -17.01 -17.91 15.87
N VAL A 207 -16.78 -17.49 17.12
CA VAL A 207 -16.82 -18.44 18.23
C VAL A 207 -18.18 -19.14 18.29
N ASP A 208 -19.25 -18.35 18.31
CA ASP A 208 -20.57 -18.94 18.49
C ASP A 208 -20.99 -19.79 17.30
N THR A 209 -20.62 -19.36 16.09
CA THR A 209 -20.97 -20.13 14.91
C THR A 209 -20.25 -21.47 14.92
N VAL A 210 -18.95 -21.45 15.19
CA VAL A 210 -18.20 -22.71 15.21
C VAL A 210 -18.77 -23.67 16.26
N ARG A 211 -19.07 -23.15 17.45
CA ARG A 211 -19.52 -24.05 18.50
C ARG A 211 -20.82 -24.76 18.12
N GLN A 212 -21.67 -24.09 17.36
CA GLN A 212 -22.98 -24.66 17.04
CA GLN A 212 -22.99 -24.62 17.03
C GLN A 212 -22.98 -25.60 15.83
N THR A 213 -21.82 -25.79 15.22
N THR A 213 -21.80 -25.93 15.27
CA THR A 213 -21.70 -26.87 14.29
CA THR A 213 -21.72 -26.74 14.01
C THR A 213 -21.43 -28.13 15.09
C THR A 213 -21.45 -28.25 14.12
N GLY A 214 -21.40 -29.23 14.38
N GLY A 214 -21.34 -28.80 15.33
CA GLY A 214 -21.24 -30.51 14.99
CA GLY A 214 -21.26 -30.26 15.49
C GLY A 214 -19.86 -30.92 15.43
C GLY A 214 -19.89 -30.83 15.81
N GLY A 215 -19.80 -32.18 15.82
CA GLY A 215 -18.60 -32.86 16.18
C GLY A 215 -17.82 -32.27 17.32
N ASN A 216 -16.52 -32.16 17.11
CA ASN A 216 -15.64 -31.66 18.13
C ASN A 216 -15.53 -30.13 18.07
N ASN A 217 -16.29 -29.46 17.20
CA ASN A 217 -16.16 -28.00 17.10
C ASN A 217 -16.65 -27.27 18.34
N ASN A 218 -17.51 -27.90 19.14
CA ASN A 218 -17.95 -27.27 20.35
C ASN A 218 -16.90 -27.32 21.45
N ALA A 219 -15.83 -28.08 21.24
CA ALA A 219 -14.80 -28.25 22.26
C ALA A 219 -13.40 -27.78 21.88
N ARG A 220 -13.13 -27.59 20.59
CA ARG A 220 -11.77 -27.35 20.16
C ARG A 220 -11.26 -25.96 20.55
N TRP A 221 -9.94 -25.78 20.49
CA TRP A 221 -9.36 -24.48 20.69
C TRP A 221 -9.60 -23.56 19.50
N LEU A 222 -9.93 -22.30 19.81
CA LEU A 222 -10.18 -21.28 18.81
C LEU A 222 -9.28 -20.09 19.10
N LEU A 223 -8.58 -19.62 18.06
CA LEU A 223 -7.58 -18.57 18.17
C LEU A 223 -8.15 -17.28 17.57
N VAL A 224 -8.08 -16.18 18.33
CA VAL A 224 -8.62 -14.90 17.91
C VAL A 224 -7.57 -13.81 18.12
N PRO A 225 -7.47 -12.87 17.17
CA PRO A 225 -6.61 -11.73 17.35
C PRO A 225 -7.35 -10.47 17.81
N GLY A 226 -6.56 -9.49 18.22
CA GLY A 226 -7.02 -8.12 18.27
C GLY A 226 -6.58 -7.34 17.04
N TRP A 227 -6.56 -6.03 17.16
CA TRP A 227 -6.35 -5.12 16.04
C TRP A 227 -5.00 -5.31 15.38
N ASN A 228 -5.02 -5.68 14.10
CA ASN A 228 -3.80 -5.82 13.30
C ASN A 228 -2.76 -6.73 13.94
N THR A 229 -3.19 -7.70 14.72
CA THR A 229 -2.29 -8.61 15.45
C THR A 229 -1.21 -7.85 16.25
N ASN A 230 -1.55 -6.62 16.66
CA ASN A 230 -0.59 -5.74 17.31
C ASN A 230 -0.67 -5.90 18.83
N ILE A 231 0.44 -6.24 19.47
CA ILE A 231 0.45 -6.44 20.92
C ILE A 231 -0.09 -5.22 21.69
N ASP A 232 0.47 -4.06 21.43
CA ASP A 232 0.07 -2.87 22.20
C ASP A 232 -1.42 -2.59 22.05
N TYR A 233 -1.94 -2.73 20.84
CA TYR A 233 -3.35 -2.43 20.61
C TYR A 233 -4.31 -3.53 21.08
N THR A 234 -3.76 -4.69 21.43
CA THR A 234 -4.51 -5.80 21.99
C THR A 234 -4.50 -5.79 23.52
N VAL A 235 -3.35 -5.47 24.10
CA VAL A 235 -3.28 -5.46 25.57
CA VAL A 235 -3.18 -5.43 25.56
C VAL A 235 -3.68 -4.13 26.19
N GLY A 236 -3.53 -3.04 25.46
CA GLY A 236 -3.86 -1.73 26.02
C GLY A 236 -5.34 -1.43 25.98
N ASN A 237 -5.69 -0.23 26.44
CA ASN A 237 -7.10 0.15 26.57
C ASN A 237 -7.61 0.81 25.30
N TYR A 238 -7.69 0.03 24.22
CA TYR A 238 -8.04 0.52 22.90
C TYR A 238 -9.33 -0.04 22.35
N GLY A 239 -9.93 -0.97 23.08
CA GLY A 239 -11.22 -1.52 22.67
C GLY A 239 -11.31 -3.03 22.52
N PHE A 240 -10.19 -3.76 22.63
CA PHE A 240 -10.31 -5.22 22.51
C PHE A 240 -11.20 -5.77 23.62
N THR A 241 -12.06 -6.72 23.28
CA THR A 241 -12.82 -7.47 24.24
C THR A 241 -12.68 -8.97 24.00
N LEU A 242 -12.69 -9.73 25.08
CA LEU A 242 -12.64 -11.18 24.98
C LEU A 242 -14.04 -11.71 24.66
N PRO A 243 -14.13 -12.65 23.70
CA PRO A 243 -15.45 -13.18 23.40
C PRO A 243 -16.02 -14.02 24.53
N THR A 244 -17.34 -14.08 24.63
CA THR A 244 -17.98 -15.09 25.46
C THR A 244 -17.95 -16.42 24.68
N ASP A 245 -18.21 -17.52 25.34
CA ASP A 245 -18.19 -18.82 24.68
C ASP A 245 -19.28 -19.71 25.26
N ASN A 246 -20.50 -19.18 25.26
CA ASN A 246 -21.61 -19.83 25.96
C ASN A 246 -22.19 -21.04 25.24
N TYR A 247 -21.85 -21.24 23.96
CA TYR A 247 -22.29 -22.41 23.21
C TYR A 247 -21.30 -23.57 23.23
N ARG A 248 -20.19 -23.41 23.95
CA ARG A 248 -19.16 -24.42 23.98
C ARG A 248 -19.66 -25.65 24.71
N SER A 249 -18.95 -26.75 24.49
CA SER A 249 -19.24 -28.01 25.15
C SER A 249 -19.28 -27.86 26.65
N SER A 250 -20.31 -28.47 27.24
CA SER A 250 -20.44 -28.58 28.70
CA SER A 250 -20.39 -28.44 28.70
C SER A 250 -19.29 -29.31 29.35
N ALA A 251 -18.56 -30.08 28.56
CA ALA A 251 -17.44 -30.85 29.10
C ALA A 251 -16.24 -29.99 29.40
N ILE A 252 -16.18 -28.78 28.85
CA ILE A 252 -15.09 -27.86 29.19
C ILE A 252 -15.37 -27.31 30.60
N PRO A 253 -14.41 -27.41 31.49
CA PRO A 253 -14.65 -26.87 32.83
C PRO A 253 -14.98 -25.38 32.82
N SER A 254 -15.93 -24.94 33.63
CA SER A 254 -16.29 -23.52 33.72
C SER A 254 -15.09 -22.60 33.91
N SER A 255 -14.09 -23.10 34.66
CA SER A 255 -12.95 -22.29 35.07
CA SER A 255 -12.96 -22.29 35.08
C SER A 255 -11.88 -22.23 34.00
N GLN A 256 -12.06 -22.96 32.89
CA GLN A 256 -11.05 -22.98 31.80
C GLN A 256 -11.56 -22.30 30.57
N LYS A 257 -10.60 -21.87 29.73
CA LYS A 257 -10.89 -21.29 28.42
CA LYS A 257 -10.90 -21.30 28.42
C LYS A 257 -10.61 -22.30 27.32
N ARG A 258 -11.32 -22.17 26.20
CA ARG A 258 -10.90 -22.85 24.97
C ARG A 258 -10.74 -21.82 23.86
N ILE A 259 -10.26 -20.64 24.27
CA ILE A 259 -9.91 -19.57 23.34
CA ILE A 259 -9.94 -19.50 23.40
C ILE A 259 -8.47 -19.17 23.60
N MET A 260 -7.74 -18.95 22.50
CA MET A 260 -6.34 -18.50 22.53
C MET A 260 -6.30 -17.13 21.86
N ILE A 261 -5.26 -16.34 22.18
CA ILE A 261 -5.11 -14.99 21.65
C ILE A 261 -3.91 -14.91 20.72
N SER A 262 -4.13 -14.34 19.54
CA SER A 262 -3.09 -14.19 18.52
C SER A 262 -2.45 -12.83 18.53
N ALA A 263 -1.12 -12.79 18.36
CA ALA A 263 -0.41 -11.55 17.98
C ALA A 263 0.72 -11.95 17.05
N HIS A 264 1.17 -10.99 16.24
CA HIS A 264 2.30 -11.18 15.34
C HIS A 264 3.44 -10.25 15.73
N TYR A 265 4.67 -10.62 15.42
CA TYR A 265 5.82 -9.86 15.91
C TYR A 265 6.91 -9.78 14.87
N TYR A 266 7.18 -8.56 14.40
CA TYR A 266 8.22 -8.28 13.43
C TYR A 266 8.96 -6.99 13.83
N SER A 267 9.07 -6.73 15.12
CA SER A 267 9.71 -5.50 15.57
C SER A 267 11.16 -5.74 15.93
N PRO A 268 12.03 -4.77 15.64
CA PRO A 268 11.79 -3.54 14.91
C PRO A 268 11.76 -3.79 13.41
N TRP A 269 10.78 -3.19 12.75
CA TRP A 269 10.54 -3.47 11.33
C TRP A 269 11.74 -3.14 10.47
N ASP A 270 12.47 -2.09 10.82
CA ASP A 270 13.61 -1.70 10.01
C ASP A 270 14.61 -2.84 9.84
N PHE A 271 14.78 -3.65 10.88
CA PHE A 271 15.56 -4.87 10.80
C PHE A 271 14.82 -6.01 10.13
N ALA A 272 13.62 -6.29 10.64
CA ALA A 272 12.97 -7.56 10.37
C ALA A 272 12.26 -7.62 9.02
N GLY A 273 11.70 -6.50 8.58
CA GLY A 273 10.86 -6.54 7.39
C GLY A 273 11.10 -5.50 6.32
N GLU A 274 11.76 -4.39 6.65
CA GLU A 274 11.97 -3.33 5.66
C GLU A 274 12.96 -3.79 4.59
N GLU A 275 12.55 -3.69 3.33
CA GLU A 275 13.27 -4.31 2.21
C GLU A 275 14.39 -3.39 1.67
N ASN A 276 15.35 -3.14 2.53
CA ASN A 276 16.58 -2.46 2.16
C ASN A 276 17.66 -2.80 3.18
N GLY A 277 18.86 -2.28 2.93
CA GLY A 277 20.01 -2.60 3.77
C GLY A 277 20.34 -1.62 4.84
N ASN A 278 19.40 -0.74 5.18
CA ASN A 278 19.69 0.27 6.21
C ASN A 278 20.08 -0.39 7.54
N ILE A 279 19.30 -1.41 7.95
CA ILE A 279 19.49 -2.10 9.22
C ILE A 279 19.54 -3.59 8.92
N THR A 280 20.66 -4.20 9.29
CA THR A 280 20.94 -5.59 8.98
C THR A 280 21.36 -6.44 10.19
N GLN A 281 21.37 -5.82 11.38
CA GLN A 281 21.82 -6.49 12.60
C GLN A 281 20.84 -6.19 13.72
N TRP A 282 20.86 -7.03 14.74
CA TRP A 282 19.95 -6.94 15.87
C TRP A 282 20.60 -7.59 17.10
N GLY A 283 20.33 -7.00 18.25
CA GLY A 283 20.69 -7.56 19.52
C GLY A 283 22.13 -7.26 19.92
N ALA A 284 22.46 -7.76 21.09
CA ALA A 284 23.73 -7.40 21.73
C ALA A 284 24.95 -7.81 20.93
N THR A 285 24.83 -8.85 20.11
CA THR A 285 25.98 -9.32 19.36
C THR A 285 26.22 -8.58 18.04
N SER A 286 25.36 -7.61 17.71
CA SER A 286 25.64 -6.72 16.57
C SER A 286 27.05 -6.16 16.69
N THR A 287 27.74 -6.08 15.55
CA THR A 287 29.12 -5.62 15.51
C THR A 287 29.34 -4.21 14.96
N ASN A 288 28.27 -3.57 14.49
CA ASN A 288 28.32 -2.26 13.87
C ASN A 288 27.07 -1.46 14.21
N PRO A 289 27.17 -0.36 14.99
CA PRO A 289 25.94 0.33 15.39
C PRO A 289 25.22 0.98 14.23
N ALA A 290 25.92 1.30 13.15
CA ALA A 290 25.30 1.91 11.99
C ALA A 290 24.38 0.94 11.26
N LYS A 291 24.50 -0.35 11.56
CA LYS A 291 23.69 -1.38 10.93
CA LYS A 291 23.69 -1.40 10.94
C LYS A 291 22.66 -1.99 11.88
N LYS A 292 22.52 -1.38 13.06
CA LYS A 292 21.66 -1.88 14.14
C LYS A 292 20.61 -0.81 14.42
N SER A 293 19.38 -1.22 14.73
CA SER A 293 18.34 -0.25 15.07
C SER A 293 18.72 0.49 16.36
N THR A 294 18.02 1.58 16.63
CA THR A 294 18.25 2.35 17.86
C THR A 294 17.23 2.01 18.95
N TRP A 295 16.31 1.08 18.65
CA TRP A 295 15.26 0.70 19.58
C TRP A 295 14.87 -0.76 19.19
N GLY A 296 13.98 -1.33 19.98
CA GLY A 296 13.41 -2.62 19.61
C GLY A 296 14.30 -3.82 19.91
N GLN A 297 15.19 -3.67 20.87
CA GLN A 297 16.16 -4.71 21.17
C GLN A 297 15.62 -5.65 22.24
N GLU A 298 16.51 -6.35 22.95
CA GLU A 298 16.08 -7.39 23.89
C GLU A 298 15.14 -6.87 24.96
N ASP A 299 15.39 -5.64 25.41
CA ASP A 299 14.53 -5.04 26.43
C ASP A 299 13.10 -4.81 25.96
N TYR A 300 12.98 -4.40 24.70
CA TYR A 300 11.67 -4.19 24.09
C TYR A 300 10.92 -5.49 23.90
N LEU A 301 11.63 -6.51 23.42
CA LEU A 301 11.04 -7.82 23.25
C LEU A 301 10.50 -8.34 24.59
N GLU A 302 11.32 -8.19 25.64
CA GLU A 302 10.87 -8.56 26.99
C GLU A 302 9.58 -7.85 27.42
N SER A 303 9.52 -6.54 27.28
CA SER A 303 8.35 -5.76 27.67
CA SER A 303 8.33 -5.84 27.74
C SER A 303 7.11 -6.17 26.88
N GLN A 304 7.30 -6.33 25.57
CA GLN A 304 6.19 -6.68 24.71
C GLN A 304 5.59 -8.03 25.11
N PHE A 305 6.41 -9.06 25.18
CA PHE A 305 5.88 -10.39 25.46
C PHE A 305 5.39 -10.49 26.89
N LYS A 306 6.05 -9.82 27.83
CA LYS A 306 5.52 -9.83 29.19
C LYS A 306 4.12 -9.24 29.22
N SER A 307 3.84 -8.24 28.38
CA SER A 307 2.52 -7.61 28.42
C SER A 307 1.42 -8.59 27.99
N MET A 308 1.73 -9.48 27.03
CA MET A 308 0.77 -10.49 26.62
C MET A 308 0.57 -11.54 27.72
N TYR A 309 1.65 -11.91 28.39
CA TYR A 309 1.57 -12.84 29.51
C TYR A 309 0.69 -12.28 30.62
N ASP A 310 0.96 -11.04 31.00
CA ASP A 310 0.25 -10.42 32.11
C ASP A 310 -1.25 -10.25 31.80
N LYS A 311 -1.59 -9.89 30.57
CA LYS A 311 -2.97 -9.59 30.23
CA LYS A 311 -2.97 -9.59 30.21
C LYS A 311 -3.78 -10.86 29.97
N PHE A 312 -3.18 -11.83 29.29
CA PHE A 312 -3.92 -12.97 28.78
C PHE A 312 -3.53 -14.30 29.38
N VAL A 313 -2.24 -14.64 29.37
CA VAL A 313 -1.82 -15.97 29.82
C VAL A 313 -2.25 -16.21 31.27
N THR A 314 -2.07 -15.18 32.10
CA THR A 314 -2.43 -15.27 33.52
C THR A 314 -3.91 -15.48 33.75
N GLN A 315 -4.73 -15.15 32.76
CA GLN A 315 -6.19 -15.29 32.86
C GLN A 315 -6.68 -16.59 32.27
N GLY A 316 -5.75 -17.44 31.81
CA GLY A 316 -6.09 -18.75 31.29
C GLY A 316 -6.21 -18.85 29.78
N TYR A 317 -5.82 -17.78 29.06
CA TYR A 317 -5.84 -17.81 27.60
C TYR A 317 -4.42 -18.08 27.08
N PRO A 318 -4.22 -19.20 26.39
CA PRO A 318 -2.94 -19.33 25.68
C PRO A 318 -2.76 -18.19 24.69
N VAL A 319 -1.50 -17.82 24.46
CA VAL A 319 -1.14 -16.84 23.44
C VAL A 319 -0.30 -17.55 22.39
N VAL A 320 -0.66 -17.27 21.13
CA VAL A 320 0.11 -17.74 19.99
C VAL A 320 0.68 -16.54 19.27
N ILE A 321 2.01 -16.46 19.22
CA ILE A 321 2.68 -15.46 18.42
C ILE A 321 2.73 -16.10 17.03
N GLY A 322 1.66 -15.91 16.28
CA GLY A 322 1.39 -16.69 15.08
C GLY A 322 2.31 -16.46 13.91
N GLU A 323 3.06 -15.35 13.95
CA GLU A 323 4.10 -15.06 12.95
C GLU A 323 5.19 -14.28 13.62
N PHE A 324 6.44 -14.63 13.30
CA PHE A 324 7.60 -13.79 13.59
C PHE A 324 8.70 -14.19 12.61
N GLY A 325 9.70 -13.34 12.44
CA GLY A 325 10.84 -13.65 11.60
C GLY A 325 11.49 -12.41 11.06
N SER A 326 12.58 -12.61 10.32
CA SER A 326 13.33 -11.52 9.71
C SER A 326 13.77 -11.87 8.30
N ILE A 327 13.74 -10.87 7.43
CA ILE A 327 14.05 -11.10 6.02
C ILE A 327 15.55 -11.20 5.74
N ASP A 328 15.87 -11.94 4.68
CA ASP A 328 17.26 -12.20 4.29
C ASP A 328 17.90 -10.97 3.70
N LYS A 329 18.85 -10.40 4.45
CA LYS A 329 19.61 -9.20 4.03
C LYS A 329 21.08 -9.53 3.80
N THR A 330 21.39 -10.80 3.52
CA THR A 330 22.78 -11.17 3.24
C THR A 330 23.34 -10.52 1.97
N SER A 331 22.47 -10.01 1.10
CA SER A 331 22.90 -9.25 -0.09
C SER A 331 23.40 -7.86 0.27
N TYR A 332 23.08 -7.40 1.48
CA TYR A 332 23.50 -6.08 1.98
C TYR A 332 24.63 -6.19 2.99
N ASP A 333 24.56 -7.20 3.85
CA ASP A 333 25.50 -7.40 4.97
C ASP A 333 25.78 -8.89 5.04
N SER A 334 27.02 -9.29 4.73
CA SER A 334 27.35 -10.69 4.69
C SER A 334 27.25 -11.40 6.04
N SER A 335 27.10 -10.64 7.12
CA SER A 335 26.87 -11.21 8.45
C SER A 335 25.40 -11.32 8.87
N ASN A 336 24.47 -10.96 7.99
CA ASN A 336 23.08 -10.85 8.40
C ASN A 336 22.51 -12.11 9.02
N ASN A 337 22.89 -13.29 8.55
CA ASN A 337 22.29 -14.50 9.09
C ASN A 337 22.64 -14.73 10.56
N VAL A 338 23.76 -14.19 11.02
CA VAL A 338 24.06 -14.26 12.44
C VAL A 338 22.92 -13.62 13.23
N TYR A 339 22.42 -12.50 12.74
CA TYR A 339 21.37 -11.75 13.42
C TYR A 339 19.98 -12.30 13.22
N ARG A 340 19.73 -12.87 12.04
CA ARG A 340 18.46 -13.56 11.86
C ARG A 340 18.33 -14.73 12.82
N ALA A 341 19.43 -15.46 13.01
CA ALA A 341 19.46 -16.51 13.99
C ALA A 341 19.27 -15.94 15.40
N ALA A 342 20.04 -14.91 15.75
CA ALA A 342 19.94 -14.34 17.12
C ALA A 342 18.54 -13.87 17.41
N TYR A 343 17.92 -13.20 16.43
CA TYR A 343 16.54 -12.70 16.59
C TYR A 343 15.57 -13.85 16.74
N ALA A 344 15.69 -14.88 15.91
CA ALA A 344 14.77 -15.99 15.99
C ALA A 344 14.90 -16.70 17.33
N LYS A 345 16.13 -16.91 17.80
CA LYS A 345 16.34 -17.53 19.10
C LYS A 345 15.74 -16.69 20.21
N ALA A 346 15.97 -15.38 20.16
CA ALA A 346 15.50 -14.49 21.21
C ALA A 346 13.97 -14.49 21.27
N VAL A 347 13.31 -14.39 20.11
CA VAL A 347 11.85 -14.35 20.10
C VAL A 347 11.31 -15.69 20.60
N THR A 348 11.91 -16.79 20.12
CA THR A 348 11.45 -18.13 20.54
C THR A 348 11.62 -18.30 22.04
N ALA A 349 12.81 -17.93 22.55
CA ALA A 349 13.09 -18.09 23.98
C ALA A 349 12.16 -17.21 24.80
N LYS A 350 11.82 -16.02 24.30
CA LYS A 350 10.95 -15.13 25.08
C LYS A 350 9.54 -15.69 25.12
N ALA A 351 9.08 -16.23 23.99
CA ALA A 351 7.81 -16.96 23.99
C ALA A 351 7.82 -18.11 24.99
N LYS A 352 8.89 -18.89 24.99
CA LYS A 352 9.00 -20.00 25.92
C LYS A 352 8.94 -19.52 27.36
N LYS A 353 9.66 -18.44 27.67
CA LYS A 353 9.67 -17.86 29.02
C LYS A 353 8.27 -17.52 29.49
N TYR A 354 7.50 -16.92 28.58
CA TYR A 354 6.18 -16.40 28.92
C TYR A 354 5.06 -17.34 28.49
N LYS A 355 5.42 -18.61 28.28
CA LYS A 355 4.45 -19.67 28.12
C LYS A 355 3.48 -19.40 26.99
N MET A 356 4.05 -19.01 25.84
CA MET A 356 3.26 -18.75 24.65
CA MET A 356 3.31 -18.66 24.62
C MET A 356 3.93 -19.41 23.45
N VAL A 357 3.18 -19.60 22.36
CA VAL A 357 3.67 -20.43 21.26
C VAL A 357 4.28 -19.56 20.17
N PRO A 358 5.57 -19.76 19.85
CA PRO A 358 6.17 -19.00 18.77
C PRO A 358 6.01 -19.73 17.44
N VAL A 359 5.45 -19.07 16.43
CA VAL A 359 5.24 -19.66 15.13
C VAL A 359 5.97 -18.87 14.03
N TYR A 360 7.02 -19.47 13.45
CA TYR A 360 7.90 -18.79 12.51
C TYR A 360 7.21 -18.55 11.17
N TRP A 361 7.44 -17.36 10.59
CA TRP A 361 6.90 -17.00 9.29
C TRP A 361 7.87 -17.42 8.19
N ASP A 362 7.49 -18.45 7.41
CA ASP A 362 8.28 -18.96 6.30
C ASP A 362 7.43 -18.79 5.05
N ASN A 363 7.90 -17.99 4.11
CA ASN A 363 7.18 -17.72 2.88
C ASN A 363 7.68 -18.49 1.65
N GLY A 364 8.61 -19.41 1.86
CA GLY A 364 9.14 -20.20 0.76
C GLY A 364 10.14 -19.49 -0.11
N HIS A 365 10.35 -18.20 0.10
CA HIS A 365 11.26 -17.46 -0.74
C HIS A 365 12.69 -17.54 -0.16
N ASN A 366 13.60 -18.15 -0.93
CA ASN A 366 15.01 -18.20 -0.65
C ASN A 366 15.67 -17.21 -1.58
N GLY A 367 16.17 -16.12 -1.02
CA GLY A 367 16.80 -15.10 -1.81
C GLY A 367 16.60 -13.75 -1.13
N GLN A 368 16.80 -12.69 -1.89
CA GLN A 368 16.81 -11.36 -1.32
C GLN A 368 15.45 -11.04 -0.70
N HIS A 369 15.46 -10.70 0.59
CA HIS A 369 14.28 -10.36 1.36
C HIS A 369 13.41 -11.57 1.69
N GLY A 370 13.95 -12.77 1.52
CA GLY A 370 13.19 -13.99 1.80
C GLY A 370 13.11 -14.33 3.27
N PHE A 371 12.13 -15.17 3.59
CA PHE A 371 11.96 -15.71 4.93
C PHE A 371 12.18 -17.24 5.02
N ALA A 372 12.40 -17.92 3.91
CA ALA A 372 12.38 -19.36 3.93
C ALA A 372 13.52 -19.99 4.73
N LEU A 373 13.20 -21.12 5.38
CA LEU A 373 14.19 -21.97 6.00
C LEU A 373 14.41 -23.27 5.24
N PHE A 374 13.53 -23.55 4.28
CA PHE A 374 13.56 -24.75 3.42
C PHE A 374 13.40 -24.32 1.98
N ASN A 375 14.01 -25.10 1.07
CA ASN A 375 13.73 -24.94 -0.35
CA ASN A 375 13.78 -25.01 -0.36
C ASN A 375 12.62 -25.95 -0.69
N ARG A 376 11.47 -25.38 -1.03
CA ARG A 376 10.29 -26.19 -1.28
C ARG A 376 10.36 -26.93 -2.61
N SER A 377 11.24 -26.51 -3.51
CA SER A 377 11.46 -27.29 -4.73
C SER A 377 12.09 -28.64 -4.52
N ASN A 378 12.93 -28.82 -3.48
CA ASN A 378 13.56 -30.14 -3.19
CA ASN A 378 13.43 -30.21 -3.20
C ASN A 378 13.56 -30.64 -1.76
N ASN A 379 12.78 -30.00 -0.89
CA ASN A 379 12.72 -30.35 0.51
C ASN A 379 14.06 -30.47 1.10
N THR A 380 14.86 -29.42 0.87
CA THR A 380 16.10 -29.33 1.55
C THR A 380 16.04 -28.17 2.53
N VAL A 381 16.85 -28.27 3.55
CA VAL A 381 17.03 -27.17 4.48
C VAL A 381 17.91 -26.12 3.86
N THR A 382 17.52 -24.85 3.93
CA THR A 382 18.36 -23.77 3.45
C THR A 382 18.91 -22.87 4.58
N GLN A 383 18.36 -22.97 5.78
CA GLN A 383 18.78 -22.13 6.91
C GLN A 383 18.90 -22.96 8.18
N GLN A 384 19.85 -23.89 8.18
CA GLN A 384 20.04 -24.77 9.33
C GLN A 384 20.31 -23.98 10.60
N ASN A 385 21.11 -22.93 10.50
CA ASN A 385 21.49 -22.22 11.69
C ASN A 385 20.30 -21.47 12.31
N ILE A 386 19.37 -20.98 11.48
CA ILE A 386 18.16 -20.34 12.04
C ILE A 386 17.26 -21.41 12.67
N ILE A 387 17.12 -22.57 12.02
CA ILE A 387 16.35 -23.63 12.63
C ILE A 387 16.96 -24.00 13.96
N ASN A 388 18.27 -24.16 13.98
CA ASN A 388 18.92 -24.53 15.25
C ASN A 388 18.69 -23.48 16.32
N ALA A 389 18.74 -22.19 15.93
CA ALA A 389 18.50 -21.08 16.87
C ALA A 389 17.10 -21.16 17.48
N ILE A 390 16.10 -21.45 16.66
CA ILE A 390 14.74 -21.62 17.15
C ILE A 390 14.70 -22.78 18.15
N MET A 391 15.27 -23.92 17.78
CA MET A 391 15.20 -25.07 18.64
CA MET A 391 15.22 -25.07 18.64
C MET A 391 15.98 -24.86 19.94
N GLN A 392 17.09 -24.14 19.89
CA GLN A 392 17.80 -23.76 21.12
C GLN A 392 16.92 -22.88 21.99
N GLY A 393 16.17 -21.99 21.37
CA GLY A 393 15.28 -21.11 22.10
C GLY A 393 14.12 -21.83 22.79
N MET A 394 13.82 -23.06 22.36
CA MET A 394 12.79 -23.86 23.03
C MET A 394 13.30 -24.67 24.23
N GLN A 395 14.57 -24.55 24.58
CA GLN A 395 15.14 -25.32 25.69
CA GLN A 395 15.10 -25.35 25.69
C GLN A 395 14.67 -24.79 27.03
N ASP B 34 -3.46 4.87 3.64
CA ASP B 34 -3.78 6.21 4.24
C ASP B 34 -2.81 7.25 3.72
N ALA B 35 -2.91 8.47 4.26
CA ALA B 35 -2.17 9.63 3.75
C ALA B 35 -0.66 9.54 3.86
N SER B 36 -0.16 8.92 4.92
CA SER B 36 1.28 8.78 5.06
C SER B 36 1.78 7.61 4.20
N GLN B 37 1.01 6.49 4.18
CA GLN B 37 1.41 5.33 3.37
CA GLN B 37 1.39 5.32 3.37
C GLN B 37 1.37 5.62 1.87
N ILE B 38 0.35 6.36 1.40
CA ILE B 38 0.23 6.65 -0.04
CA ILE B 38 0.28 6.58 -0.04
C ILE B 38 1.50 7.35 -0.53
N VAL B 39 1.97 8.33 0.24
CA VAL B 39 3.17 9.08 -0.17
C VAL B 39 4.37 8.17 -0.27
N SER B 40 4.58 7.31 0.74
CA SER B 40 5.68 6.36 0.72
CA SER B 40 5.69 6.36 0.71
C SER B 40 5.61 5.43 -0.51
N GLU B 41 4.41 4.91 -0.77
CA GLU B 41 4.24 3.96 -1.87
CA GLU B 41 4.17 3.97 -1.86
C GLU B 41 4.42 4.63 -3.22
N MET B 42 4.10 5.92 -3.33
CA MET B 42 4.26 6.61 -4.60
C MET B 42 5.71 6.95 -4.94
N GLY B 43 6.60 6.98 -3.94
CA GLY B 43 8.01 7.21 -4.19
C GLY B 43 8.28 8.48 -4.97
N ALA B 44 9.20 8.39 -5.92
CA ALA B 44 9.44 9.47 -6.89
C ALA B 44 8.61 9.20 -8.13
N GLY B 45 8.01 10.26 -8.63
CA GLY B 45 7.23 10.15 -9.84
C GLY B 45 7.91 10.74 -11.06
N TRP B 46 7.35 10.39 -12.21
CA TRP B 46 7.87 10.83 -13.50
C TRP B 46 6.68 11.14 -14.40
N ASN B 47 6.72 12.30 -15.05
CA ASN B 47 5.68 12.69 -16.02
C ASN B 47 6.00 12.17 -17.41
N LEU B 48 4.98 11.58 -18.02
CA LEU B 48 4.98 11.20 -19.42
C LEU B 48 4.67 12.47 -20.23
N GLY B 49 5.59 13.43 -20.23
CA GLY B 49 5.28 14.73 -20.76
C GLY B 49 5.37 14.83 -22.27
N ASN B 50 4.67 15.80 -22.83
CA ASN B 50 4.63 16.04 -24.25
C ASN B 50 4.19 14.78 -25.03
N GLN B 51 3.15 14.13 -24.50
CA GLN B 51 2.54 13.00 -25.17
C GLN B 51 1.02 13.22 -25.26
N LEU B 52 0.23 12.63 -24.35
CA LEU B 52 -1.23 12.66 -24.53
CA LEU B 52 -1.24 12.66 -24.49
C LEU B 52 -1.87 14.03 -24.25
N GLU B 53 -1.08 14.98 -23.78
CA GLU B 53 -1.58 16.37 -23.69
C GLU B 53 -1.27 17.21 -24.94
N ALA B 54 -0.40 16.69 -25.80
CA ALA B 54 0.02 17.41 -26.99
C ALA B 54 -1.16 17.56 -27.93
N ALA B 55 -1.24 18.72 -28.58
CA ALA B 55 -2.33 19.03 -29.48
C ALA B 55 -1.91 20.19 -30.35
N VAL B 56 -2.42 20.14 -31.57
CA VAL B 56 -2.22 21.19 -32.55
C VAL B 56 -3.58 21.56 -33.12
N ASN B 57 -3.86 22.87 -33.12
CA ASN B 57 -5.14 23.44 -33.57
CA ASN B 57 -5.12 23.38 -33.64
C ASN B 57 -6.34 22.65 -33.06
N GLY B 58 -6.27 22.32 -31.77
CA GLY B 58 -7.39 21.76 -31.08
C GLY B 58 -7.52 20.26 -31.03
N THR B 59 -6.71 19.50 -31.76
CA THR B 59 -6.86 18.05 -31.78
C THR B 59 -5.68 17.39 -31.06
N PRO B 60 -5.97 16.69 -29.96
CA PRO B 60 -4.88 15.98 -29.29
C PRO B 60 -4.25 14.91 -30.14
N ASN B 61 -2.95 14.72 -29.99
CA ASN B 61 -2.23 13.71 -30.76
C ASN B 61 -0.90 13.54 -30.06
N GLU B 62 -0.66 12.33 -29.57
CA GLU B 62 0.48 12.11 -28.71
C GLU B 62 1.84 12.26 -29.39
N THR B 63 1.85 12.33 -30.72
CA THR B 63 3.07 12.58 -31.47
C THR B 63 3.23 14.02 -31.95
N ALA B 64 2.27 14.88 -31.58
CA ALA B 64 2.21 16.23 -32.17
C ALA B 64 3.41 17.10 -31.78
N TRP B 65 4.02 16.82 -30.63
CA TRP B 65 5.13 17.63 -30.15
C TRP B 65 6.46 16.93 -30.29
N GLY B 66 6.51 15.93 -31.19
CA GLY B 66 7.78 15.36 -31.60
C GLY B 66 8.22 14.05 -30.94
N ASN B 67 7.48 13.59 -29.92
CA ASN B 67 7.79 12.31 -29.32
C ASN B 67 7.14 11.18 -30.11
N PRO B 68 7.72 9.98 -30.04
CA PRO B 68 7.07 8.84 -30.69
C PRO B 68 5.81 8.41 -29.95
N THR B 69 4.98 7.61 -30.59
CA THR B 69 3.86 6.97 -29.93
C THR B 69 4.39 6.20 -28.71
N VAL B 70 3.69 6.35 -27.60
CA VAL B 70 4.10 5.69 -26.37
C VAL B 70 4.00 4.17 -26.50
N THR B 71 5.01 3.47 -25.99
CA THR B 71 5.03 2.02 -25.95
C THR B 71 5.31 1.56 -24.52
N PRO B 72 4.97 0.29 -24.21
CA PRO B 72 5.21 -0.17 -22.85
C PRO B 72 6.67 -0.16 -22.44
N GLU B 73 7.56 -0.34 -23.39
CA GLU B 73 8.98 -0.38 -23.11
C GLU B 73 9.49 0.90 -22.44
N LEU B 74 8.95 2.03 -22.83
CA LEU B 74 9.36 3.29 -22.20
C LEU B 74 9.00 3.27 -20.72
N ILE B 75 7.78 2.85 -20.41
CA ILE B 75 7.32 2.83 -19.03
C ILE B 75 8.14 1.82 -18.22
N LYS B 76 8.47 0.69 -18.82
CA LYS B 76 9.34 -0.30 -18.18
CA LYS B 76 9.31 -0.28 -18.12
C LYS B 76 10.70 0.29 -17.83
N LYS B 77 11.24 1.10 -18.74
CA LYS B 77 12.54 1.72 -18.52
C LYS B 77 12.51 2.74 -17.37
N VAL B 78 11.44 3.52 -17.30
CA VAL B 78 11.25 4.49 -16.24
C VAL B 78 11.12 3.74 -14.88
N LYS B 79 10.36 2.67 -14.84
CA LYS B 79 10.26 1.82 -13.65
C LYS B 79 11.64 1.27 -13.25
N ALA B 80 12.39 0.80 -14.23
CA ALA B 80 13.72 0.24 -13.96
C ALA B 80 14.68 1.26 -13.35
N ALA B 81 14.46 2.54 -13.66
CA ALA B 81 15.27 3.63 -13.11
C ALA B 81 14.89 3.95 -11.66
N GLY B 82 13.76 3.43 -11.19
CA GLY B 82 13.38 3.49 -9.78
C GLY B 82 12.15 4.33 -9.47
N PHE B 83 11.56 4.97 -10.49
CA PHE B 83 10.35 5.73 -10.26
C PHE B 83 9.19 4.79 -9.98
N LYS B 84 8.33 5.20 -9.05
CA LYS B 84 7.21 4.38 -8.59
C LYS B 84 5.84 4.90 -9.01
N SER B 85 5.81 6.11 -9.58
CA SER B 85 4.56 6.72 -10.04
C SER B 85 4.78 7.38 -11.39
N ILE B 86 3.77 7.32 -12.24
CA ILE B 86 3.78 7.95 -13.56
C ILE B 86 2.59 8.91 -13.61
N ARG B 87 2.87 10.17 -13.90
CA ARG B 87 1.80 11.14 -14.17
C ARG B 87 1.67 11.23 -15.67
N ILE B 88 0.43 11.14 -16.15
CA ILE B 88 0.09 11.14 -17.57
C ILE B 88 -0.79 12.35 -17.88
N PRO B 89 -0.18 13.44 -18.34
CA PRO B 89 -0.95 14.56 -18.87
C PRO B 89 -1.86 14.09 -20.03
N VAL B 90 -3.12 14.50 -20.01
CA VAL B 90 -4.07 14.15 -21.08
C VAL B 90 -4.86 15.38 -21.45
N SER B 91 -4.89 15.71 -22.75
CA SER B 91 -5.79 16.74 -23.28
C SER B 91 -6.97 16.08 -23.96
N TYR B 92 -8.09 16.82 -24.02
CA TYR B 92 -9.32 16.32 -24.63
C TYR B 92 -9.73 17.20 -25.81
N LEU B 93 -9.96 18.49 -25.52
CA LEU B 93 -10.09 19.51 -26.54
C LEU B 93 -11.15 19.08 -27.58
N ASN B 94 -10.81 19.07 -28.86
CA ASN B 94 -11.85 18.84 -29.87
CA ASN B 94 -11.83 18.82 -29.88
C ASN B 94 -12.25 17.37 -29.99
N ASN B 95 -11.63 16.49 -29.19
CA ASN B 95 -12.16 15.13 -29.02
C ASN B 95 -13.42 15.08 -28.16
N ILE B 96 -13.82 16.21 -27.57
CA ILE B 96 -15.08 16.34 -26.88
C ILE B 96 -16.11 16.84 -27.87
N GLY B 97 -17.23 16.13 -27.97
CA GLY B 97 -18.29 16.48 -28.89
C GLY B 97 -19.12 17.66 -28.40
N SER B 98 -20.16 17.93 -29.18
CA SER B 98 -21.04 19.08 -28.94
C SER B 98 -21.90 18.90 -27.71
N ALA B 99 -22.37 20.04 -27.21
CA ALA B 99 -23.39 20.06 -26.18
C ALA B 99 -24.67 19.47 -26.74
N PRO B 100 -25.50 18.86 -25.88
CA PRO B 100 -25.37 18.66 -24.43
C PRO B 100 -24.60 17.43 -23.93
N ASN B 101 -24.30 16.47 -24.80
CA ASN B 101 -23.72 15.22 -24.32
C ASN B 101 -22.22 15.31 -24.08
N TYR B 102 -21.58 16.17 -24.84
CA TYR B 102 -20.13 16.32 -24.79
C TYR B 102 -19.40 14.97 -24.83
N THR B 103 -19.79 14.11 -25.75
CA THR B 103 -19.24 12.77 -25.83
C THR B 103 -17.79 12.78 -26.26
N ILE B 104 -16.94 12.11 -25.49
CA ILE B 104 -15.53 12.00 -25.83
C ILE B 104 -15.37 10.89 -26.85
N ASN B 105 -14.58 11.18 -27.88
CA ASN B 105 -14.27 10.14 -28.90
CA ASN B 105 -14.18 10.24 -28.89
C ASN B 105 -13.84 8.86 -28.24
N ALA B 106 -14.49 7.77 -28.59
CA ALA B 106 -14.23 6.48 -27.98
C ALA B 106 -12.79 6.00 -28.19
N ALA B 107 -12.26 6.24 -29.37
CA ALA B 107 -10.89 5.83 -29.68
C ALA B 107 -9.87 6.51 -28.79
N TRP B 108 -10.17 7.76 -28.44
CA TRP B 108 -9.27 8.52 -27.58
C TRP B 108 -9.28 7.94 -26.17
N LEU B 109 -10.47 7.70 -25.62
CA LEU B 109 -10.55 7.05 -24.31
C LEU B 109 -9.86 5.69 -24.33
N ASN B 110 -10.04 4.92 -25.41
CA ASN B 110 -9.38 3.63 -25.49
C ASN B 110 -7.86 3.78 -25.51
N ARG B 111 -7.34 4.80 -26.19
CA ARG B 111 -5.90 5.02 -26.23
C ARG B 111 -5.37 5.41 -24.86
N ILE B 112 -6.07 6.31 -24.20
CA ILE B 112 -5.66 6.74 -22.85
C ILE B 112 -5.62 5.51 -21.95
N GLN B 113 -6.64 4.67 -22.04
CA GLN B 113 -6.68 3.45 -21.22
CA GLN B 113 -6.67 3.47 -21.19
C GLN B 113 -5.49 2.54 -21.48
N GLN B 114 -5.11 2.39 -22.74
CA GLN B 114 -3.96 1.55 -23.05
CA GLN B 114 -3.92 1.57 -23.07
C GLN B 114 -2.68 2.09 -22.39
N VAL B 115 -2.47 3.40 -22.49
CA VAL B 115 -1.28 4.01 -21.92
C VAL B 115 -1.30 3.91 -20.40
N VAL B 116 -2.46 4.15 -19.76
CA VAL B 116 -2.59 3.92 -18.32
C VAL B 116 -2.18 2.49 -17.99
N ASP B 117 -2.68 1.53 -18.77
CA ASP B 117 -2.37 0.13 -18.49
C ASP B 117 -0.87 -0.17 -18.59
N TYR B 118 -0.14 0.50 -19.46
CA TYR B 118 1.29 0.27 -19.52
C TYR B 118 1.94 0.46 -18.17
N ALA B 119 1.49 1.48 -17.43
CA ALA B 119 2.01 1.77 -16.08
C ALA B 119 1.29 0.96 -15.00
N TYR B 120 -0.02 0.92 -15.07
CA TYR B 120 -0.80 0.22 -14.05
C TYR B 120 -0.49 -1.26 -13.99
N ASN B 121 -0.29 -1.87 -15.17
CA ASN B 121 -0.02 -3.31 -15.20
C ASN B 121 1.40 -3.65 -14.70
N GLU B 122 2.24 -2.63 -14.56
CA GLU B 122 3.59 -2.79 -14.01
C GLU B 122 3.65 -2.43 -12.54
N GLY B 123 2.49 -2.26 -11.91
CA GLY B 123 2.46 -2.06 -10.47
C GLY B 123 2.70 -0.63 -10.03
N LEU B 124 2.75 0.30 -11.00
CA LEU B 124 3.03 1.70 -10.71
C LEU B 124 1.77 2.43 -10.28
N TYR B 125 1.93 3.49 -9.50
CA TYR B 125 0.86 4.47 -9.33
C TYR B 125 0.79 5.30 -10.61
N VAL B 126 -0.42 5.72 -10.93
CA VAL B 126 -0.68 6.44 -12.16
C VAL B 126 -1.63 7.60 -11.85
N ILE B 127 -1.33 8.78 -12.41
CA ILE B 127 -2.20 9.95 -12.31
C ILE B 127 -2.62 10.33 -13.73
N ILE B 128 -3.92 10.52 -13.94
CA ILE B 128 -4.43 11.07 -15.21
C ILE B 128 -5.19 12.36 -14.90
N ASN B 129 -5.11 13.33 -15.81
CA ASN B 129 -5.71 14.64 -15.56
C ASN B 129 -6.47 15.15 -16.78
N ILE B 130 -6.89 16.41 -16.73
CA ILE B 130 -7.33 17.18 -17.89
C ILE B 130 -6.35 18.33 -17.98
N HIS B 131 -5.59 18.37 -19.09
CA HIS B 131 -4.35 19.17 -19.12
C HIS B 131 -4.44 20.44 -19.97
N GLY B 132 -4.31 20.30 -21.29
CA GLY B 132 -4.32 21.49 -22.14
C GLY B 132 -5.61 22.27 -22.11
N ASP B 133 -6.70 21.58 -21.81
CA ASP B 133 -8.02 22.17 -21.84
C ASP B 133 -8.19 23.38 -20.92
N GLY B 134 -7.41 23.47 -19.86
CA GLY B 134 -7.52 24.55 -18.88
C GLY B 134 -6.74 25.81 -19.19
N TYR B 135 -6.02 25.83 -20.33
CA TYR B 135 -5.20 26.99 -20.68
C TYR B 135 -5.85 27.94 -21.67
N ASN B 136 -5.83 29.22 -21.34
CA ASN B 136 -6.21 30.26 -22.30
C ASN B 136 -5.37 30.23 -23.56
N SER B 137 -4.11 29.84 -23.44
CA SER B 137 -3.19 29.89 -24.58
C SER B 137 -3.22 28.69 -25.49
N VAL B 138 -4.03 27.69 -25.17
CA VAL B 138 -4.15 26.50 -25.99
C VAL B 138 -5.34 26.63 -26.94
N GLN B 139 -5.11 26.37 -28.23
CA GLN B 139 -6.20 26.39 -29.19
CA GLN B 139 -6.21 26.39 -29.19
C GLN B 139 -7.21 25.32 -28.80
N GLY B 140 -8.45 25.75 -28.58
CA GLY B 140 -9.49 24.86 -28.12
C GLY B 140 -9.63 24.83 -26.61
N GLY B 141 -8.74 25.51 -25.89
CA GLY B 141 -8.84 25.56 -24.43
C GLY B 141 -10.17 26.18 -23.99
N TRP B 142 -10.86 25.52 -23.06
CA TRP B 142 -12.23 25.88 -22.72
C TRP B 142 -12.52 25.90 -21.21
N LEU B 143 -11.69 25.26 -20.39
CA LEU B 143 -11.90 25.18 -18.96
C LEU B 143 -11.24 26.42 -18.39
N LEU B 144 -11.94 27.54 -18.55
CA LEU B 144 -11.36 28.88 -18.35
C LEU B 144 -12.05 29.59 -17.21
N VAL B 145 -11.30 29.83 -16.12
CA VAL B 145 -11.90 30.53 -14.97
C VAL B 145 -12.40 31.91 -15.37
N ASN B 146 -11.79 32.48 -16.41
CA ASN B 146 -12.15 33.82 -16.92
C ASN B 146 -13.16 33.78 -18.06
N GLY B 147 -13.58 32.59 -18.44
CA GLY B 147 -14.55 32.41 -19.53
C GLY B 147 -15.90 32.97 -19.21
N GLY B 148 -16.58 33.46 -20.24
CA GLY B 148 -17.86 34.14 -20.04
C GLY B 148 -19.08 33.25 -19.79
N ASN B 149 -19.01 32.00 -20.21
CA ASN B 149 -20.15 31.07 -20.14
C ASN B 149 -19.86 29.96 -19.13
N GLN B 150 -19.87 30.31 -17.86
CA GLN B 150 -19.52 29.32 -16.80
C GLN B 150 -20.51 28.17 -16.73
N THR B 151 -21.77 28.42 -17.03
CA THR B 151 -22.74 27.33 -17.02
C THR B 151 -22.33 26.23 -17.98
N ALA B 152 -21.98 26.59 -19.21
CA ALA B 152 -21.59 25.63 -20.22
C ALA B 152 -20.25 24.99 -19.85
N ILE B 153 -19.29 25.80 -19.39
CA ILE B 153 -18.00 25.24 -18.96
C ILE B 153 -18.21 24.17 -17.90
N LYS B 154 -19.01 24.50 -16.88
CA LYS B 154 -19.21 23.57 -15.76
C LYS B 154 -19.95 22.30 -16.18
N GLU B 155 -20.94 22.43 -17.06
CA GLU B 155 -21.65 21.27 -17.55
C GLU B 155 -20.75 20.38 -18.41
N LYS B 156 -19.98 21.00 -19.29
CA LYS B 156 -19.04 20.26 -20.13
C LYS B 156 -18.06 19.51 -19.25
N TYR B 157 -17.51 20.20 -18.26
CA TYR B 157 -16.55 19.60 -17.33
C TYR B 157 -17.14 18.41 -16.58
N LYS B 158 -18.35 18.58 -16.06
N LYS B 158 -18.34 18.59 -16.05
CA LYS B 158 -19.06 17.48 -15.41
CA LYS B 158 -19.07 17.49 -15.40
C LYS B 158 -19.24 16.27 -16.34
C LYS B 158 -19.20 16.28 -16.35
N LYS B 159 -19.69 16.51 -17.57
CA LYS B 159 -19.93 15.41 -18.50
C LYS B 159 -18.62 14.72 -18.91
N VAL B 160 -17.56 15.50 -19.05
CA VAL B 160 -16.26 14.94 -19.42
C VAL B 160 -15.74 14.08 -18.29
N TRP B 161 -15.72 14.57 -17.06
CA TRP B 161 -15.27 13.73 -15.96
C TRP B 161 -16.16 12.53 -15.70
N GLN B 162 -17.44 12.66 -15.93
CA GLN B 162 -18.29 11.50 -15.75
CA GLN B 162 -18.36 11.50 -15.82
C GLN B 162 -17.84 10.38 -16.70
N GLN B 163 -17.51 10.74 -17.93
CA GLN B 163 -17.07 9.73 -18.91
C GLN B 163 -15.69 9.16 -18.60
N ILE B 164 -14.75 10.00 -18.23
CA ILE B 164 -13.39 9.51 -17.89
C ILE B 164 -13.50 8.59 -16.69
N ALA B 165 -14.23 9.04 -15.66
CA ALA B 165 -14.35 8.23 -14.46
C ALA B 165 -15.02 6.89 -14.77
N THR B 166 -16.07 6.93 -15.58
CA THR B 166 -16.77 5.68 -15.90
C THR B 166 -15.82 4.70 -16.62
N LYS B 167 -15.01 5.21 -17.53
CA LYS B 167 -14.06 4.38 -18.27
C LYS B 167 -13.10 3.65 -17.32
N PHE B 168 -12.67 4.33 -16.27
CA PHE B 168 -11.65 3.82 -15.35
C PHE B 168 -12.20 3.30 -14.01
N SER B 169 -13.49 3.02 -13.96
CA SER B 169 -14.13 2.72 -12.67
C SER B 169 -13.54 1.52 -11.94
N ASN B 170 -13.05 0.50 -12.66
CA ASN B 170 -12.64 -0.72 -11.96
C ASN B 170 -11.18 -0.74 -11.53
N TYR B 171 -10.45 0.33 -11.80
CA TYR B 171 -9.06 0.41 -11.41
C TYR B 171 -8.95 0.65 -9.91
N ASN B 172 -7.96 0.03 -9.28
CA ASN B 172 -7.75 0.13 -7.85
C ASN B 172 -7.10 1.47 -7.47
N ASP B 173 -6.71 1.61 -6.20
CA ASP B 173 -6.24 2.89 -5.67
C ASP B 173 -4.88 3.30 -6.23
N ARG B 174 -4.26 2.46 -7.07
CA ARG B 174 -3.06 2.91 -7.76
C ARG B 174 -3.36 3.90 -8.89
N LEU B 175 -4.61 4.02 -9.30
CA LEU B 175 -5.00 5.04 -10.26
C LEU B 175 -5.63 6.23 -9.55
N ILE B 176 -5.04 7.39 -9.76
CA ILE B 176 -5.43 8.67 -9.18
C ILE B 176 -5.98 9.55 -10.29
N PHE B 177 -7.09 10.22 -10.03
CA PHE B 177 -7.59 11.24 -10.95
C PHE B 177 -7.22 12.62 -10.44
N GLU B 178 -6.73 13.46 -11.34
CA GLU B 178 -6.32 14.84 -11.05
C GLU B 178 -7.27 15.76 -11.82
N SER B 179 -7.93 16.67 -11.07
CA SER B 179 -9.07 17.40 -11.63
C SER B 179 -8.77 18.22 -12.86
N MET B 180 -7.58 18.79 -12.88
CA MET B 180 -7.14 19.70 -13.92
CA MET B 180 -7.17 19.78 -13.86
C MET B 180 -5.67 20.00 -13.64
N ASN B 181 -5.05 20.79 -14.50
CA ASN B 181 -3.61 21.00 -14.44
C ASN B 181 -3.30 22.37 -13.81
N GLU B 182 -2.93 23.34 -14.65
CA GLU B 182 -2.54 24.67 -14.20
C GLU B 182 -3.62 25.62 -14.71
N VAL B 183 -4.52 26.01 -13.80
CA VAL B 183 -5.75 26.72 -14.13
C VAL B 183 -5.66 28.13 -13.51
N PHE B 184 -5.72 29.11 -14.40
CA PHE B 184 -5.69 30.54 -14.03
C PHE B 184 -6.13 31.35 -15.25
N ASP B 185 -6.04 32.68 -15.11
CA ASP B 185 -6.53 33.59 -16.12
C ASP B 185 -5.41 34.22 -16.94
N GLY B 186 -4.17 33.76 -16.77
CA GLY B 186 -3.03 34.37 -17.51
C GLY B 186 -2.30 35.46 -16.73
N ASN B 187 -2.85 35.90 -15.61
CA ASN B 187 -2.20 36.91 -14.76
CA ASN B 187 -2.20 36.89 -14.78
C ASN B 187 -1.31 36.22 -13.74
N TYR B 188 -0.09 36.71 -13.58
CA TYR B 188 0.86 36.12 -12.66
C TYR B 188 0.90 36.66 -11.24
N GLY B 189 0.15 37.72 -10.99
CA GLY B 189 0.01 38.29 -9.67
C GLY B 189 -1.15 37.68 -8.92
N ASN B 190 -1.65 38.43 -7.96
CA ASN B 190 -2.63 37.92 -7.02
C ASN B 190 -3.88 37.46 -7.73
N PRO B 191 -4.42 36.29 -7.35
CA PRO B 191 -5.60 35.81 -8.05
C PRO B 191 -6.85 36.67 -7.91
N ASN B 192 -7.57 36.80 -9.01
CA ASN B 192 -8.92 37.37 -9.03
C ASN B 192 -9.83 36.49 -8.18
N SER B 193 -10.45 37.04 -7.15
CA SER B 193 -11.22 36.25 -6.22
C SER B 193 -12.42 35.55 -6.87
N ALA B 194 -13.09 36.23 -7.80
CA ALA B 194 -14.22 35.61 -8.49
C ALA B 194 -13.73 34.41 -9.30
N TYR B 195 -12.62 34.59 -10.01
CA TYR B 195 -12.09 33.51 -10.81
C TYR B 195 -11.64 32.35 -9.91
N TYR B 196 -11.10 32.65 -8.74
CA TYR B 196 -10.71 31.58 -7.82
C TYR B 196 -11.96 30.79 -7.41
N THR B 197 -13.08 31.47 -7.21
CA THR B 197 -14.33 30.76 -6.92
C THR B 197 -14.71 29.80 -8.02
N ASN B 198 -14.54 30.21 -9.27
CA ASN B 198 -14.79 29.29 -10.39
C ASN B 198 -13.87 28.06 -10.30
N LEU B 199 -12.58 28.29 -10.03
CA LEU B 199 -11.63 27.19 -9.89
C LEU B 199 -12.11 26.23 -8.79
N ASN B 200 -12.47 26.78 -7.64
CA ASN B 200 -12.95 25.96 -6.54
C ASN B 200 -14.18 25.17 -6.92
N ALA B 201 -15.06 25.81 -7.69
CA ALA B 201 -16.26 25.15 -8.18
C ALA B 201 -15.90 23.98 -9.08
N TYR B 202 -14.90 24.12 -9.96
CA TYR B 202 -14.49 22.99 -10.80
C TYR B 202 -14.03 21.85 -9.91
N ASN B 203 -13.20 22.14 -8.92
CA ASN B 203 -12.72 21.05 -8.06
C ASN B 203 -13.88 20.34 -7.37
N GLN B 204 -14.87 21.09 -6.91
CA GLN B 204 -16.03 20.49 -6.23
C GLN B 204 -16.85 19.63 -7.16
N ILE B 205 -17.11 20.15 -8.36
CA ILE B 205 -17.83 19.38 -9.39
C ILE B 205 -17.10 18.09 -9.73
N PHE B 206 -15.79 18.20 -9.91
CA PHE B 206 -14.97 17.02 -10.16
C PHE B 206 -15.14 15.99 -9.07
N VAL B 207 -14.93 16.38 -7.82
CA VAL B 207 -14.98 15.41 -6.72
C VAL B 207 -16.35 14.72 -6.69
N ASP B 208 -17.40 15.53 -6.67
CA ASP B 208 -18.74 14.94 -6.51
C ASP B 208 -19.16 14.12 -7.73
N THR B 209 -18.76 14.53 -8.92
CA THR B 209 -19.10 13.79 -10.13
C THR B 209 -18.40 12.43 -10.12
N VAL B 210 -17.11 12.42 -9.82
CA VAL B 210 -16.37 11.17 -9.81
C VAL B 210 -16.96 10.23 -8.77
N ARG B 211 -17.23 10.72 -7.58
CA ARG B 211 -17.70 9.86 -6.49
C ARG B 211 -18.99 9.16 -6.84
N GLN B 212 -19.84 9.84 -7.61
CA GLN B 212 -21.18 9.32 -7.87
C GLN B 212 -21.16 8.33 -9.02
N THR B 213 -20.03 8.16 -9.69
CA THR B 213 -19.88 7.09 -10.64
C THR B 213 -19.50 5.80 -9.82
N GLY B 214 -19.45 4.71 -10.54
CA GLY B 214 -19.35 3.41 -9.95
C GLY B 214 -17.95 2.88 -9.72
N GLY B 215 -17.90 1.57 -9.55
CA GLY B 215 -16.67 0.90 -9.26
C GLY B 215 -15.97 1.47 -8.05
N ASN B 216 -14.66 1.65 -8.20
CA ASN B 216 -13.83 2.13 -7.10
C ASN B 216 -13.72 3.66 -7.09
N ASN B 217 -14.49 4.34 -7.93
CA ASN B 217 -14.38 5.80 -8.00
C ASN B 217 -14.85 6.50 -6.75
N ASN B 218 -15.71 5.87 -5.96
CA ASN B 218 -16.15 6.48 -4.71
C ASN B 218 -15.09 6.46 -3.63
N ALA B 219 -14.00 5.71 -3.85
CA ALA B 219 -12.99 5.54 -2.81
C ALA B 219 -11.60 5.99 -3.21
N ARG B 220 -11.33 6.15 -4.51
CA ARG B 220 -9.95 6.38 -4.93
C ARG B 220 -9.45 7.76 -4.51
N TRP B 221 -8.13 7.93 -4.54
CA TRP B 221 -7.55 9.23 -4.31
C TRP B 221 -7.80 10.17 -5.49
N LEU B 222 -8.13 11.40 -5.14
CA LEU B 222 -8.40 12.49 -6.09
C LEU B 222 -7.49 13.68 -5.78
N LEU B 223 -6.81 14.17 -6.80
CA LEU B 223 -5.77 15.19 -6.67
C LEU B 223 -6.30 16.49 -7.27
N VAL B 224 -6.27 17.56 -6.48
CA VAL B 224 -6.80 18.84 -6.90
C VAL B 224 -5.77 19.96 -6.65
N PRO B 225 -5.63 20.91 -7.59
CA PRO B 225 -4.76 22.03 -7.40
C PRO B 225 -5.48 23.29 -6.95
N GLY B 226 -4.69 24.26 -6.51
CA GLY B 226 -5.12 25.63 -6.42
C GLY B 226 -4.71 26.42 -7.65
N TRP B 227 -4.72 27.72 -7.50
CA TRP B 227 -4.50 28.65 -8.60
C TRP B 227 -3.13 28.48 -9.26
N ASN B 228 -3.16 28.16 -10.55
CA ASN B 228 -1.93 27.99 -11.33
C ASN B 228 -0.90 27.07 -10.70
N THR B 229 -1.35 26.07 -9.93
CA THR B 229 -0.46 25.17 -9.19
C THR B 229 0.61 25.92 -8.38
N ASN B 230 0.27 27.13 -7.95
CA ASN B 230 1.22 28.01 -7.26
C ASN B 230 1.12 27.83 -5.76
N ILE B 231 2.22 27.49 -5.10
CA ILE B 231 2.20 27.24 -3.66
C ILE B 231 1.66 28.44 -2.88
N ASP B 232 2.26 29.60 -3.08
CA ASP B 232 1.83 30.79 -2.32
C ASP B 232 0.34 31.06 -2.48
N TYR B 233 -0.16 30.93 -3.70
CA TYR B 233 -1.57 31.24 -3.94
C TYR B 233 -2.51 30.12 -3.50
N THR B 234 -1.96 28.95 -3.15
CA THR B 234 -2.75 27.84 -2.64
C THR B 234 -2.76 27.84 -1.10
N VAL B 235 -1.62 28.15 -0.49
CA VAL B 235 -1.53 28.14 0.98
CA VAL B 235 -1.45 28.17 0.97
C VAL B 235 -1.94 29.45 1.61
N GLY B 236 -1.81 30.57 0.91
CA GLY B 236 -2.10 31.86 1.50
C GLY B 236 -3.57 32.20 1.48
N ASN B 237 -3.89 33.38 1.95
CA ASN B 237 -5.28 33.82 2.04
C ASN B 237 -5.72 34.50 0.74
N TYR B 238 -5.81 33.73 -0.34
CA TYR B 238 -6.12 34.24 -1.65
C TYR B 238 -7.42 33.71 -2.23
N GLY B 239 -8.06 32.76 -1.53
CA GLY B 239 -9.35 32.26 -1.96
C GLY B 239 -9.45 30.76 -2.17
N PHE B 240 -8.36 30.02 -2.06
CA PHE B 240 -8.49 28.56 -2.17
C PHE B 240 -9.40 28.01 -1.10
N THR B 241 -10.26 27.06 -1.49
CA THR B 241 -11.02 26.31 -0.53
C THR B 241 -10.92 24.81 -0.84
N LEU B 242 -10.91 24.02 0.21
CA LEU B 242 -10.87 22.58 0.06
C LEU B 242 -12.26 22.06 -0.34
N PRO B 243 -12.33 21.15 -1.31
CA PRO B 243 -13.62 20.60 -1.65
C PRO B 243 -14.14 19.70 -0.54
N THR B 244 -15.46 19.66 -0.38
CA THR B 244 -16.09 18.64 0.44
C THR B 244 -16.12 17.33 -0.35
N ASP B 245 -16.31 16.23 0.37
CA ASP B 245 -16.31 14.90 -0.26
C ASP B 245 -17.43 14.06 0.32
N ASN B 246 -18.63 14.62 0.26
CA ASN B 246 -19.77 13.97 0.91
C ASN B 246 -20.35 12.76 0.22
N TYR B 247 -19.99 12.56 -1.04
CA TYR B 247 -20.48 11.39 -1.80
C TYR B 247 -19.49 10.24 -1.78
N ARG B 248 -18.39 10.38 -1.03
CA ARG B 248 -17.39 9.34 -1.01
C ARG B 248 -17.87 8.06 -0.32
N SER B 249 -17.15 6.98 -0.61
CA SER B 249 -17.42 5.67 -0.02
C SER B 249 -17.47 5.73 1.48
N SER B 250 -18.48 5.06 2.03
CA SER B 250 -18.57 4.89 3.47
C SER B 250 -17.44 4.01 4.05
N ALA B 251 -16.71 3.31 3.18
CA ALA B 251 -15.59 2.45 3.64
C ALA B 251 -14.31 3.23 3.88
N ILE B 252 -14.23 4.46 3.43
CA ILE B 252 -13.05 5.23 3.69
C ILE B 252 -13.02 5.48 5.17
N PRO B 253 -11.90 5.13 5.82
CA PRO B 253 -11.89 5.38 7.25
C PRO B 253 -12.32 6.82 7.58
N SER B 254 -13.20 6.94 8.56
CA SER B 254 -13.86 8.22 8.88
C SER B 254 -13.00 9.46 9.13
N SER B 255 -11.80 9.32 9.71
CA SER B 255 -10.93 10.47 10.05
C SER B 255 -9.92 10.80 8.94
N GLN B 256 -9.96 10.02 7.87
CA GLN B 256 -9.02 10.17 6.76
CA GLN B 256 -9.05 10.15 6.74
C GLN B 256 -9.64 10.97 5.63
N LYS B 257 -8.75 11.53 4.83
CA LYS B 257 -9.10 12.17 3.56
C LYS B 257 -8.79 11.22 2.41
N ARG B 258 -9.51 11.35 1.30
CA ARG B 258 -9.09 10.75 0.01
C ARG B 258 -8.94 11.81 -1.06
N ILE B 259 -8.55 13.02 -0.60
CA ILE B 259 -8.19 14.13 -1.47
CA ILE B 259 -8.20 14.14 -1.47
C ILE B 259 -6.73 14.48 -1.22
N MET B 260 -6.00 14.73 -2.31
CA MET B 260 -4.61 15.19 -2.22
CA MET B 260 -4.59 15.15 -2.31
C MET B 260 -4.51 16.53 -2.96
N ILE B 261 -3.49 17.31 -2.60
CA ILE B 261 -3.32 18.67 -3.14
C ILE B 261 -2.10 18.73 -4.05
N SER B 262 -2.31 19.31 -5.23
CA SER B 262 -1.28 19.50 -6.24
C SER B 262 -0.65 20.89 -6.18
N ALA B 263 0.68 20.94 -6.34
CA ALA B 263 1.38 22.17 -6.70
C ALA B 263 2.52 21.80 -7.64
N HIS B 264 3.01 22.77 -8.40
CA HIS B 264 4.12 22.60 -9.32
C HIS B 264 5.25 23.49 -8.88
N TYR B 265 6.49 23.13 -9.23
CA TYR B 265 7.63 23.90 -8.72
C TYR B 265 8.75 24.02 -9.76
N TYR B 266 8.96 25.24 -10.23
CA TYR B 266 10.00 25.55 -11.19
C TYR B 266 10.72 26.84 -10.77
N SER B 267 10.80 27.09 -9.46
CA SER B 267 11.42 28.30 -8.97
C SER B 267 12.89 28.09 -8.64
N PRO B 268 13.74 29.09 -8.93
CA PRO B 268 13.47 30.31 -9.64
C PRO B 268 13.41 30.07 -11.14
N TRP B 269 12.43 30.67 -11.80
CA TRP B 269 12.19 30.38 -13.22
C TRP B 269 13.38 30.74 -14.10
N ASP B 270 14.09 31.80 -13.75
CA ASP B 270 15.23 32.20 -14.57
C ASP B 270 16.25 31.09 -14.76
N PHE B 271 16.44 30.29 -13.71
CA PHE B 271 17.25 29.09 -13.80
C PHE B 271 16.52 27.91 -14.46
N ALA B 272 15.34 27.60 -13.96
CA ALA B 272 14.71 26.31 -14.26
C ALA B 272 13.99 26.27 -15.59
N GLY B 273 13.40 27.38 -16.01
CA GLY B 273 12.54 27.35 -17.20
C GLY B 273 12.79 28.40 -18.27
N GLU B 274 13.42 29.52 -17.94
CA GLU B 274 13.60 30.59 -18.91
C GLU B 274 14.60 30.15 -19.97
N GLU B 275 14.17 30.23 -21.24
CA GLU B 275 14.95 29.64 -22.35
C GLU B 275 16.02 30.59 -22.89
N ASN B 276 16.99 30.86 -22.03
CA ASN B 276 18.21 31.57 -22.42
C ASN B 276 19.31 31.23 -21.42
N GLY B 277 20.49 31.78 -21.64
CA GLY B 277 21.66 31.46 -20.85
C GLY B 277 21.96 32.44 -19.74
N ASN B 278 21.00 33.30 -19.37
CA ASN B 278 21.31 34.30 -18.35
C ASN B 278 21.68 33.64 -17.02
N ILE B 279 20.92 32.61 -16.63
CA ILE B 279 21.10 31.92 -15.37
C ILE B 279 21.17 30.43 -15.65
N THR B 280 22.30 29.83 -15.30
CA THR B 280 22.59 28.45 -15.62
C THR B 280 23.05 27.61 -14.41
N GLN B 281 23.03 28.21 -13.22
CA GLN B 281 23.49 27.56 -12.01
C GLN B 281 22.51 27.82 -10.87
N TRP B 282 22.55 26.97 -9.85
CA TRP B 282 21.64 27.04 -8.71
C TRP B 282 22.31 26.40 -7.52
N GLY B 283 22.04 26.98 -6.36
CA GLY B 283 22.43 26.43 -5.08
C GLY B 283 23.86 26.77 -4.69
N ALA B 284 24.21 26.32 -3.50
CA ALA B 284 25.46 26.73 -2.87
C ALA B 284 26.69 26.36 -3.68
N THR B 285 26.61 25.29 -4.49
CA THR B 285 27.79 24.86 -5.23
C THR B 285 27.99 25.61 -6.56
N SER B 286 27.13 26.56 -6.91
CA SER B 286 27.36 27.43 -8.05
C SER B 286 28.76 28.05 -7.95
N THR B 287 29.43 28.17 -9.09
CA THR B 287 30.79 28.64 -9.15
C THR B 287 30.95 30.07 -9.67
N ASN B 288 29.86 30.70 -10.12
CA ASN B 288 29.90 32.03 -10.74
C ASN B 288 28.62 32.78 -10.41
N PRO B 289 28.68 33.88 -9.65
CA PRO B 289 27.43 34.52 -9.21
C PRO B 289 26.68 35.16 -10.37
N ALA B 290 27.38 35.49 -11.46
CA ALA B 290 26.72 36.08 -12.62
C ALA B 290 25.82 35.08 -13.34
N LYS B 291 26.00 33.79 -13.05
CA LYS B 291 25.22 32.72 -13.67
C LYS B 291 24.24 32.08 -12.71
N LYS B 292 24.06 32.71 -11.53
CA LYS B 292 23.23 32.20 -10.46
C LYS B 292 22.15 33.23 -10.16
N SER B 293 20.96 32.78 -9.82
CA SER B 293 19.90 33.71 -9.44
C SER B 293 20.26 34.46 -8.16
N THR B 294 19.52 35.54 -7.91
CA THR B 294 19.73 36.32 -6.70
C THR B 294 18.72 36.01 -5.62
N TRP B 295 17.86 35.02 -5.87
CA TRP B 295 16.81 34.61 -4.95
C TRP B 295 16.46 33.15 -5.30
N GLY B 296 15.59 32.55 -4.52
CA GLY B 296 15.05 31.25 -4.89
C GLY B 296 15.95 30.07 -4.64
N GLN B 297 16.84 30.22 -3.67
CA GLN B 297 17.84 29.17 -3.38
C GLN B 297 17.33 28.22 -2.31
N GLU B 298 18.23 27.56 -1.60
CA GLU B 298 17.83 26.50 -0.68
C GLU B 298 16.85 26.97 0.42
N ASP B 299 17.05 28.18 0.91
CA ASP B 299 16.17 28.73 1.95
CA ASP B 299 16.16 28.70 1.96
C ASP B 299 14.75 28.93 1.44
N TYR B 300 14.65 29.37 0.19
CA TYR B 300 13.33 29.55 -0.43
C TYR B 300 12.61 28.20 -0.63
N LEU B 301 13.34 27.22 -1.16
CA LEU B 301 12.80 25.89 -1.33
C LEU B 301 12.26 25.34 0.00
N GLU B 302 13.04 25.50 1.06
CA GLU B 302 12.59 25.12 2.39
C GLU B 302 11.29 25.79 2.80
N SER B 303 11.23 27.11 2.72
CA SER B 303 10.04 27.87 3.13
CA SER B 303 10.01 27.78 3.19
C SER B 303 8.81 27.44 2.32
N GLN B 304 9.02 27.29 1.01
CA GLN B 304 7.92 26.92 0.11
C GLN B 304 7.32 25.58 0.47
N PHE B 305 8.13 24.54 0.55
CA PHE B 305 7.61 23.21 0.82
C PHE B 305 7.08 23.09 2.25
N LYS B 306 7.77 23.73 3.20
CA LYS B 306 7.27 23.73 4.57
C LYS B 306 5.85 24.31 4.63
N SER B 307 5.57 25.33 3.82
CA SER B 307 4.24 25.93 3.84
C SER B 307 3.15 24.93 3.38
N MET B 308 3.46 24.09 2.41
CA MET B 308 2.51 23.07 1.96
C MET B 308 2.32 22.01 3.03
N TYR B 309 3.40 21.67 3.71
CA TYR B 309 3.32 20.70 4.80
C TYR B 309 2.44 21.23 5.91
N ASP B 310 2.70 22.47 6.32
CA ASP B 310 1.98 23.05 7.45
C ASP B 310 0.50 23.24 7.14
N LYS B 311 0.17 23.66 5.92
CA LYS B 311 -1.23 23.93 5.56
CA LYS B 311 -1.23 23.93 5.56
C LYS B 311 -2.05 22.68 5.27
N PHE B 312 -1.44 21.70 4.62
CA PHE B 312 -2.17 20.55 4.06
C PHE B 312 -1.78 19.21 4.64
N VAL B 313 -0.49 18.86 4.59
CA VAL B 313 -0.05 17.54 5.03
C VAL B 313 -0.48 17.30 6.49
N THR B 314 -0.29 18.31 7.35
CA THR B 314 -0.65 18.18 8.77
C THR B 314 -2.15 18.03 9.00
N GLN B 315 -2.95 18.38 8.01
CA GLN B 315 -4.40 18.27 8.09
C GLN B 315 -4.93 16.99 7.44
N GLY B 316 -4.04 16.12 6.99
CA GLY B 316 -4.41 14.82 6.44
C GLY B 316 -4.51 14.76 4.93
N TYR B 317 -4.13 15.84 4.26
CA TYR B 317 -4.14 15.86 2.78
C TYR B 317 -2.72 15.63 2.28
N PRO B 318 -2.47 14.50 1.62
CA PRO B 318 -1.17 14.37 0.96
C PRO B 318 -0.98 15.48 -0.07
N VAL B 319 0.28 15.83 -0.31
CA VAL B 319 0.63 16.80 -1.31
C VAL B 319 1.47 16.10 -2.37
N VAL B 320 1.13 16.40 -3.63
CA VAL B 320 1.90 15.95 -4.78
C VAL B 320 2.48 17.16 -5.49
N ILE B 321 3.80 17.24 -5.51
CA ILE B 321 4.49 18.24 -6.33
C ILE B 321 4.54 17.62 -7.73
N GLY B 322 3.48 17.84 -8.48
CA GLY B 322 3.21 17.07 -9.67
C GLY B 322 4.12 17.33 -10.85
N GLU B 323 4.88 18.42 -10.79
CA GLU B 323 5.91 18.74 -11.77
C GLU B 323 7.01 19.51 -11.08
N PHE B 324 8.26 19.18 -11.41
CA PHE B 324 9.41 20.01 -11.09
C PHE B 324 10.52 19.64 -12.08
N GLY B 325 11.51 20.51 -12.23
CA GLY B 325 12.66 20.21 -13.07
C GLY B 325 13.30 21.47 -13.58
N SER B 326 14.39 21.30 -14.33
CA SER B 326 15.11 22.41 -14.92
C SER B 326 15.56 22.07 -16.34
N ILE B 327 15.53 23.08 -17.19
CA ILE B 327 15.83 22.87 -18.60
C ILE B 327 17.32 22.80 -18.89
N ASP B 328 17.66 22.06 -19.96
CA ASP B 328 19.07 21.82 -20.32
C ASP B 328 19.69 23.06 -20.92
N LYS B 329 20.63 23.65 -20.17
CA LYS B 329 21.36 24.83 -20.59
C LYS B 329 22.85 24.55 -20.81
N THR B 330 23.18 23.30 -21.12
CA THR B 330 24.58 22.94 -21.38
C THR B 330 25.13 23.60 -22.64
N SER B 331 24.26 24.05 -23.52
CA SER B 331 24.68 24.83 -24.69
C SER B 331 25.15 26.23 -24.33
N TYR B 332 24.79 26.71 -23.14
CA TYR B 332 25.20 28.05 -22.68
C TYR B 332 26.33 27.96 -21.66
N ASP B 333 26.27 26.95 -20.77
CA ASP B 333 27.20 26.75 -19.65
C ASP B 333 27.50 25.26 -19.56
N SER B 334 28.72 24.87 -19.91
CA SER B 334 29.04 23.46 -19.95
C SER B 334 28.97 22.74 -18.61
N SER B 335 28.84 23.50 -17.52
CA SER B 335 28.64 22.92 -16.21
C SER B 335 27.18 22.80 -15.77
N ASN B 336 26.24 23.17 -16.63
CA ASN B 336 24.84 23.26 -16.21
C ASN B 336 24.28 21.96 -15.59
N ASN B 337 24.68 20.78 -16.10
CA ASN B 337 24.11 19.57 -15.54
C ASN B 337 24.46 19.34 -14.08
N VAL B 338 25.57 19.90 -13.62
CA VAL B 338 25.90 19.85 -12.19
C VAL B 338 24.73 20.43 -11.41
N TYR B 339 24.23 21.56 -11.88
CA TYR B 339 23.16 22.29 -11.19
C TYR B 339 21.79 21.70 -11.42
N ARG B 340 21.55 21.14 -12.61
CA ARG B 340 20.29 20.44 -12.80
C ARG B 340 20.18 19.25 -11.85
N ALA B 341 21.28 18.55 -11.64
CA ALA B 341 21.32 17.46 -10.67
C ALA B 341 21.14 17.99 -9.25
N ALA B 342 21.86 19.04 -8.89
CA ALA B 342 21.75 19.59 -7.53
C ALA B 342 20.33 20.04 -7.24
N TYR B 343 19.71 20.69 -8.21
CA TYR B 343 18.32 21.16 -8.05
C TYR B 343 17.37 19.99 -7.90
N ALA B 344 17.50 18.97 -8.73
CA ALA B 344 16.60 17.85 -8.67
C ALA B 344 16.76 17.13 -7.35
N LYS B 345 18.00 16.97 -6.87
CA LYS B 345 18.21 16.32 -5.59
C LYS B 345 17.58 17.15 -4.47
N ALA B 346 17.81 18.45 -4.50
CA ALA B 346 17.31 19.34 -3.45
C ALA B 346 15.79 19.31 -3.38
N VAL B 347 15.14 19.41 -4.54
CA VAL B 347 13.67 19.42 -4.58
C VAL B 347 13.12 18.07 -4.13
N THR B 348 13.73 16.97 -4.59
CA THR B 348 13.27 15.64 -4.20
C THR B 348 13.44 15.45 -2.69
N ALA B 349 14.61 15.84 -2.17
CA ALA B 349 14.89 15.66 -0.76
C ALA B 349 13.97 16.51 0.09
N LYS B 350 13.62 17.70 -0.40
CA LYS B 350 12.71 18.56 0.36
C LYS B 350 11.30 17.96 0.40
N ALA B 351 10.86 17.41 -0.73
CA ALA B 351 9.59 16.71 -0.75
C ALA B 351 9.64 15.54 0.23
N LYS B 352 10.72 14.78 0.23
CA LYS B 352 10.85 13.63 1.14
C LYS B 352 10.75 14.11 2.59
N LYS B 353 11.46 15.18 2.91
CA LYS B 353 11.47 15.75 4.27
C LYS B 353 10.07 16.09 4.73
N TYR B 354 9.29 16.70 3.85
CA TYR B 354 7.95 17.17 4.18
C TYR B 354 6.84 16.25 3.73
N LYS B 355 7.15 14.96 3.51
CA LYS B 355 6.15 13.94 3.31
C LYS B 355 5.21 14.21 2.15
N MET B 356 5.82 14.63 1.03
CA MET B 356 5.06 14.92 -0.18
C MET B 356 5.74 14.26 -1.36
N VAL B 357 5.00 14.09 -2.44
CA VAL B 357 5.48 13.26 -3.55
C VAL B 357 6.09 14.15 -4.63
N PRO B 358 7.39 13.96 -4.95
CA PRO B 358 7.99 14.72 -6.02
C PRO B 358 7.85 14.01 -7.35
N VAL B 359 7.31 14.70 -8.34
CA VAL B 359 7.08 14.11 -9.67
C VAL B 359 7.81 14.95 -10.74
N TYR B 360 8.85 14.35 -11.31
CA TYR B 360 9.74 15.01 -12.25
C TYR B 360 9.06 15.29 -13.59
N TRP B 361 9.31 16.48 -14.15
CA TRP B 361 8.75 16.87 -15.47
C TRP B 361 9.73 16.48 -16.58
N ASP B 362 9.37 15.41 -17.34
CA ASP B 362 10.17 14.90 -18.45
C ASP B 362 9.34 15.08 -19.71
N ASN B 363 9.82 15.90 -20.65
CA ASN B 363 9.08 16.18 -21.87
C ASN B 363 9.61 15.45 -23.10
N GLY B 364 10.55 14.53 -22.90
CA GLY B 364 11.09 13.78 -24.02
C GLY B 364 12.10 14.49 -24.88
N HIS B 365 12.30 15.77 -24.64
CA HIS B 365 13.19 16.54 -25.46
C HIS B 365 14.61 16.46 -24.89
N ASN B 366 15.51 15.89 -25.69
CA ASN B 366 16.93 15.81 -25.39
C ASN B 366 17.61 16.81 -26.29
N GLY B 367 18.08 17.91 -25.70
CA GLY B 367 18.64 19.00 -26.48
C GLY B 367 18.43 20.32 -25.80
N GLN B 368 18.61 21.40 -26.56
CA GLN B 368 18.62 22.73 -25.96
C GLN B 368 17.27 23.03 -25.35
N HIS B 369 17.27 23.35 -24.06
CA HIS B 369 16.07 23.64 -23.27
C HIS B 369 15.23 22.40 -22.94
N GLY B 370 15.79 21.21 -23.14
CA GLY B 370 15.05 19.98 -22.87
C GLY B 370 14.93 19.65 -21.39
N PHE B 371 13.97 18.76 -21.08
CA PHE B 371 13.80 18.20 -19.76
C PHE B 371 14.06 16.69 -19.70
N ALA B 372 14.29 16.04 -20.83
CA ALA B 372 14.28 14.58 -20.82
C ALA B 372 15.41 13.96 -20.02
N LEU B 373 15.11 12.81 -19.41
CA LEU B 373 16.12 11.97 -18.77
C LEU B 373 16.37 10.69 -19.55
N PHE B 374 15.48 10.42 -20.52
CA PHE B 374 15.51 9.23 -21.39
C PHE B 374 15.37 9.67 -22.83
N ASN B 375 15.98 8.90 -23.74
CA ASN B 375 15.77 9.04 -25.16
C ASN B 375 14.63 8.08 -25.53
N ARG B 376 13.48 8.65 -25.87
CA ARG B 376 12.29 7.84 -26.15
C ARG B 376 12.34 7.15 -27.50
N SER B 377 13.29 7.52 -28.36
CA SER B 377 13.49 6.75 -29.60
C SER B 377 14.09 5.38 -29.35
N ASN B 378 14.87 5.18 -28.26
CA ASN B 378 15.49 3.85 -28.01
CA ASN B 378 15.44 3.83 -28.01
C ASN B 378 15.53 3.39 -26.56
N ASN B 379 14.80 4.09 -25.68
CA ASN B 379 14.72 3.71 -24.27
C ASN B 379 16.06 3.61 -23.61
N THR B 380 16.92 4.56 -23.96
CA THR B 380 18.18 4.68 -23.29
C THR B 380 18.14 5.87 -22.35
N VAL B 381 18.96 5.78 -21.32
CA VAL B 381 19.11 6.89 -20.38
C VAL B 381 19.98 7.97 -20.97
N THR B 382 19.55 9.22 -20.86
CA THR B 382 20.34 10.35 -21.31
C THR B 382 20.84 11.23 -20.15
N GLN B 383 20.26 11.09 -18.97
CA GLN B 383 20.63 11.92 -17.81
C GLN B 383 20.72 11.06 -16.55
N GLN B 384 21.63 10.09 -16.55
CA GLN B 384 21.80 9.23 -15.38
C GLN B 384 22.14 10.01 -14.13
N ASN B 385 22.91 11.08 -14.25
CA ASN B 385 23.25 11.83 -13.04
C ASN B 385 22.06 12.55 -12.41
N ILE B 386 21.13 13.03 -13.23
CA ILE B 386 19.89 13.60 -12.69
C ILE B 386 19.01 12.51 -12.08
N ILE B 387 18.90 11.36 -12.74
CA ILE B 387 18.16 10.28 -12.15
C ILE B 387 18.75 9.91 -10.79
N ASN B 388 20.06 9.76 -10.74
CA ASN B 388 20.74 9.44 -9.50
C ASN B 388 20.48 10.50 -8.42
N ALA B 389 20.50 11.76 -8.81
CA ALA B 389 20.21 12.86 -7.89
C ALA B 389 18.81 12.72 -7.26
N ILE B 390 17.81 12.41 -8.09
CA ILE B 390 16.46 12.20 -7.61
C ILE B 390 16.43 11.01 -6.64
N MET B 391 17.06 9.91 -7.01
CA MET B 391 16.99 8.72 -6.17
CA MET B 391 16.99 8.72 -6.18
C MET B 391 17.74 8.94 -4.85
N GLN B 392 18.86 9.65 -4.90
CA GLN B 392 19.56 10.01 -3.66
C GLN B 392 18.68 10.89 -2.77
N GLY B 393 17.95 11.80 -3.39
CA GLY B 393 17.03 12.66 -2.66
C GLY B 393 15.89 11.93 -1.96
N MET B 394 15.59 10.70 -2.40
CA MET B 394 14.58 9.87 -1.73
C MET B 394 15.06 9.07 -0.54
N GLN B 395 16.36 9.15 -0.24
N GLN B 395 16.34 9.18 -0.19
CA GLN B 395 16.93 8.35 0.83
CA GLN B 395 16.86 8.42 0.95
C GLN B 395 16.28 8.64 2.18
C GLN B 395 16.63 9.13 2.28
C1 EDO C . 5.89 -11.08 6.51
O1 EDO C . 4.56 -11.62 6.74
C2 EDO C . 5.94 -9.63 6.97
O2 EDO C . 4.83 -8.92 6.31
C1 EDO D . -12.68 -31.04 27.00
O1 EDO D . -13.00 -31.04 25.61
C2 EDO D . -11.46 -31.95 27.21
O2 EDO D . -10.26 -31.26 26.84
CA CA E . 2.69 -10.12 5.90
C1 EDO F . 7.73 22.80 -18.16
O1 EDO F . 6.41 22.25 -17.88
C2 EDO F . 7.81 24.23 -17.70
O2 EDO F . 6.71 24.94 -18.35
CA CA G . 4.58 23.79 -18.76
#